data_4L6G
#
_entry.id   4L6G
#
_cell.length_a   68.810
_cell.length_b   103.770
_cell.length_c   127.710
_cell.angle_alpha   90.00
_cell.angle_beta   90.00
_cell.angle_gamma   90.00
#
_symmetry.space_group_name_H-M   'P 21 21 21'
#
loop_
_entity.id
_entity.type
_entity.pdbx_description
1 polymer P450cin
2 non-polymer 'PROTOPORPHYRIN IX CONTAINING FE'
3 non-polymer 1,3,3-TRIMETHYL-2-OXABICYCLO[2.2.2]OCTANE
4 non-polymer 'SULFATE ION'
5 non-polymer 'TRIETHYLENE GLYCOL'
6 water water
#
_entity_poly.entity_id   1
_entity_poly.type   'polypeptide(L)'
_entity_poly.pdbx_seq_one_letter_code
;MTSLFTTADHYHTPLGPDGTPHAFFEALRDEAETTPIGWSEAYGGHWVVAGYKEIQAVIQNTKAFSNKGVTFPRFETGEF
ELMMAGQDDPVHKKYRQLVAKPFSPEATDLFTEQLRQSTNDLIDARIELGEGDAATWLANEIPARLTAILLGLPPEDGDT
YRRWVWAITHVENPEEGAEIFAELVAHARTLIAERRTNPGNDIMSRVIMSKIDGESLSEDDLIGFFTILLLGGIDNTARF
LSSVFWRLAWDIELRRRLIAHPELIPNAVDELLRFYGPAMVGRLVTQEVTVGDITMKPGQTAMLWFPIASRDRSAFDSPD
NIVIERTPNRHLSLGHGIHRCLGAHLIRVEARVAITEFLKRIPEFSLDPNKECEWLMGQVAGMLHVPIIFPKGKRLSE
;
_entity_poly.pdbx_strand_id   A,B
#
loop_
_chem_comp.id
_chem_comp.type
_chem_comp.name
_chem_comp.formula
CNL non-polymer 1,3,3-TRIMETHYL-2-OXABICYCLO[2.2.2]OCTANE 'C10 H18 O'
HEM non-polymer 'PROTOPORPHYRIN IX CONTAINING FE' 'C34 H32 Fe N4 O4'
PGE non-polymer 'TRIETHYLENE GLYCOL' 'C6 H14 O4'
SO4 non-polymer 'SULFATE ION' 'O4 S -2'
#
# COMPACT_ATOMS: atom_id res chain seq x y z
N THR A 2 2.81 14.73 -52.94
CA THR A 2 3.19 13.63 -52.05
C THR A 2 2.65 13.83 -50.66
N SER A 3 2.29 12.72 -50.03
CA SER A 3 1.71 12.73 -48.70
C SER A 3 2.38 11.70 -47.79
N LEU A 4 2.63 12.07 -46.52
CA LEU A 4 3.19 11.13 -45.55
C LEU A 4 2.16 10.09 -45.14
N PHE A 5 0.88 10.36 -45.37
CA PHE A 5 -0.16 9.41 -45.03
C PHE A 5 -0.11 8.15 -45.90
N THR A 6 0.28 8.30 -47.16
CA THR A 6 0.12 7.24 -48.15
C THR A 6 0.87 5.98 -47.79
N THR A 7 1.99 6.12 -47.08
CA THR A 7 2.77 4.96 -46.67
C THR A 7 2.90 4.85 -45.13
N ALA A 8 2.02 5.55 -44.42
CA ALA A 8 2.05 5.48 -42.96
C ALA A 8 1.78 4.07 -42.46
N ASP A 9 2.60 3.63 -41.52
CA ASP A 9 2.54 2.27 -41.02
C ASP A 9 3.14 2.28 -39.62
N HIS A 10 2.31 2.04 -38.61
CA HIS A 10 2.76 2.15 -37.23
C HIS A 10 3.81 1.09 -36.84
N TYR A 11 3.98 0.04 -37.64
CA TYR A 11 5.07 -0.93 -37.42
C TYR A 11 6.36 -0.59 -38.18
N HIS A 12 6.31 0.44 -39.03
CA HIS A 12 7.46 0.84 -39.85
C HIS A 12 7.50 2.37 -39.95
N THR A 13 7.79 3.02 -38.82
CA THR A 13 7.92 4.47 -38.74
C THR A 13 9.37 4.89 -38.95
N PRO A 14 9.65 5.75 -39.95
CA PRO A 14 11.03 6.25 -40.12
C PRO A 14 11.59 6.79 -38.81
N LEU A 15 12.83 6.41 -38.47
CA LEU A 15 13.49 6.88 -37.26
C LEU A 15 14.50 7.96 -37.60
N GLY A 16 14.61 8.94 -36.71
CA GLY A 16 15.52 10.06 -36.90
C GLY A 16 16.87 9.76 -36.29
N PRO A 17 17.76 10.76 -36.30
CA PRO A 17 19.14 10.55 -35.84
C PRO A 17 19.21 10.34 -34.33
N ASP A 18 18.15 10.69 -33.61
CA ASP A 18 18.05 10.43 -32.17
C ASP A 18 17.59 9.00 -31.87
N GLY A 19 17.11 8.29 -32.89
CA GLY A 19 16.69 6.91 -32.71
C GLY A 19 15.20 6.70 -32.48
N THR A 20 14.42 7.77 -32.50
CA THR A 20 12.98 7.70 -32.28
C THR A 20 12.26 8.07 -33.56
N PRO A 21 10.95 7.80 -33.62
CA PRO A 21 10.13 8.24 -34.76
C PRO A 21 9.65 9.68 -34.61
N HIS A 22 10.19 10.46 -33.68
CA HIS A 22 9.56 11.75 -33.40
C HIS A 22 9.73 12.81 -34.49
N ALA A 23 10.84 12.80 -35.23
CA ALA A 23 10.94 13.71 -36.37
C ALA A 23 9.83 13.41 -37.40
N PHE A 24 9.59 12.13 -37.65
CA PHE A 24 8.52 11.71 -38.54
C PHE A 24 7.15 12.08 -37.98
N PHE A 25 6.95 11.89 -36.68
CA PHE A 25 5.67 12.27 -36.07
C PHE A 25 5.42 13.78 -36.20
N GLU A 26 6.47 14.58 -36.04
CA GLU A 26 6.35 16.04 -36.18
C GLU A 26 6.01 16.43 -37.62
N ALA A 27 6.62 15.77 -38.60
CA ALA A 27 6.32 16.02 -40.01
C ALA A 27 4.88 15.63 -40.35
N LEU A 28 4.43 14.48 -39.84
CA LEU A 28 3.05 14.06 -40.07
C LEU A 28 2.06 15.01 -39.38
N ARG A 29 2.39 15.49 -38.17
CA ARG A 29 1.59 16.49 -37.47
C ARG A 29 1.44 17.74 -38.32
N ASP A 30 2.56 18.19 -38.88
CA ASP A 30 2.53 19.36 -39.74
C ASP A 30 1.58 19.12 -40.93
N GLU A 31 1.68 17.97 -41.57
CA GLU A 31 0.81 17.70 -42.73
C GLU A 31 -0.66 17.59 -42.30
N ALA A 32 -0.89 17.04 -41.12
CA ALA A 32 -2.26 16.86 -40.61
C ALA A 32 -2.98 18.20 -40.39
N GLU A 33 -2.25 19.30 -40.34
CA GLU A 33 -2.90 20.61 -40.25
C GLU A 33 -3.71 20.93 -41.51
N THR A 34 -3.32 20.34 -42.63
CA THR A 34 -4.05 20.49 -43.88
C THR A 34 -5.01 19.32 -44.10
N THR A 35 -4.53 18.13 -43.74
CA THR A 35 -5.24 16.87 -44.01
C THR A 35 -5.22 16.02 -42.75
N PRO A 36 -6.23 16.15 -41.87
CA PRO A 36 -6.13 15.47 -40.57
C PRO A 36 -6.41 13.98 -40.64
N ILE A 37 -7.04 13.54 -41.74
CA ILE A 37 -7.30 12.11 -41.97
C ILE A 37 -6.86 11.78 -43.38
N GLY A 38 -6.03 10.76 -43.51
CA GLY A 38 -5.52 10.36 -44.81
C GLY A 38 -5.53 8.87 -45.02
N TRP A 39 -5.48 8.45 -46.28
CA TRP A 39 -5.47 7.03 -46.61
C TRP A 39 -4.05 6.50 -46.69
N SER A 40 -3.80 5.40 -45.98
CA SER A 40 -2.53 4.67 -46.10
C SER A 40 -2.72 3.43 -46.94
N GLU A 41 -1.77 3.16 -47.83
CA GLU A 41 -1.83 1.93 -48.62
C GLU A 41 -1.33 0.70 -47.86
N ALA A 42 -0.83 0.90 -46.64
CA ALA A 42 -0.37 -0.23 -45.82
C ALA A 42 -1.53 -1.10 -45.35
N TYR A 43 -1.23 -2.36 -45.10
CA TYR A 43 -2.21 -3.36 -44.60
C TYR A 43 -3.41 -3.51 -45.52
N GLY A 44 -3.20 -3.30 -46.83
CA GLY A 44 -4.27 -3.41 -47.80
C GLY A 44 -5.11 -2.16 -47.97
N GLY A 45 -4.78 -1.11 -47.21
CA GLY A 45 -5.50 0.15 -47.28
C GLY A 45 -6.30 0.42 -46.01
N HIS A 46 -6.09 1.58 -45.39
CA HIS A 46 -6.82 1.92 -44.18
C HIS A 46 -6.72 3.41 -43.92
N TRP A 47 -7.57 3.92 -43.04
CA TRP A 47 -7.54 5.35 -42.69
C TRP A 47 -6.59 5.61 -41.53
N VAL A 48 -5.82 6.68 -41.65
CA VAL A 48 -4.95 7.15 -40.57
C VAL A 48 -5.52 8.45 -40.04
N VAL A 49 -5.93 8.46 -38.77
CA VAL A 49 -6.56 9.62 -38.16
C VAL A 49 -5.55 10.30 -37.24
N ALA A 50 -5.16 11.52 -37.61
CA ALA A 50 -4.01 12.19 -36.98
C ALA A 50 -4.35 13.50 -36.25
N GLY A 51 -5.44 14.16 -36.63
CA GLY A 51 -5.82 15.39 -35.93
C GLY A 51 -6.48 15.08 -34.61
N TYR A 52 -6.26 15.95 -33.61
CA TYR A 52 -6.83 15.75 -32.29
C TYR A 52 -8.36 15.76 -32.30
N LYS A 53 -8.98 16.76 -32.92
CA LYS A 53 -10.43 16.83 -32.89
C LYS A 53 -11.04 15.66 -33.69
N GLU A 54 -10.33 15.19 -34.73
CA GLU A 54 -10.83 14.07 -35.52
C GLU A 54 -10.74 12.75 -34.75
N ILE A 55 -9.66 12.54 -34.01
CA ILE A 55 -9.59 11.32 -33.18
C ILE A 55 -10.71 11.36 -32.13
N GLN A 56 -10.92 12.51 -31.49
CA GLN A 56 -12.00 12.62 -30.53
C GLN A 56 -13.36 12.27 -31.15
N ALA A 57 -13.63 12.78 -32.35
CA ALA A 57 -14.91 12.51 -33.00
C ALA A 57 -15.08 11.03 -33.29
N VAL A 58 -14.02 10.38 -33.75
CA VAL A 58 -14.11 8.94 -34.05
C VAL A 58 -14.31 8.13 -32.76
N ILE A 59 -13.52 8.43 -31.76
CA ILE A 59 -13.46 7.59 -30.58
C ILE A 59 -14.74 7.77 -29.72
N GLN A 60 -15.44 8.89 -29.86
CA GLN A 60 -16.74 9.06 -29.21
C GLN A 60 -17.89 8.40 -29.96
N ASN A 61 -17.70 8.19 -31.27
CA ASN A 61 -18.77 7.67 -32.12
C ASN A 61 -18.74 6.15 -32.14
N THR A 62 -19.19 5.53 -31.06
CA THR A 62 -19.12 4.09 -30.96
C THR A 62 -20.14 3.39 -31.84
N LYS A 63 -21.17 4.09 -32.28
CA LYS A 63 -22.15 3.44 -33.15
C LYS A 63 -21.57 3.15 -34.52
N ALA A 64 -20.63 3.99 -34.99
CA ALA A 64 -20.00 3.79 -36.29
C ALA A 64 -18.60 3.16 -36.24
N PHE A 65 -17.95 3.21 -35.08
CA PHE A 65 -16.55 2.80 -34.94
C PHE A 65 -16.39 1.79 -33.80
N SER A 66 -16.22 0.53 -34.17
CA SER A 66 -16.26 -0.60 -33.23
C SER A 66 -14.89 -1.02 -32.69
N ASN A 67 -14.84 -1.42 -31.43
CA ASN A 67 -13.60 -1.93 -30.85
C ASN A 67 -13.26 -3.37 -31.26
N LYS A 68 -14.06 -3.97 -32.15
CA LYS A 68 -13.62 -5.20 -32.78
C LYS A 68 -12.29 -4.98 -33.54
N GLY A 69 -12.05 -3.74 -33.95
CA GLY A 69 -10.81 -3.41 -34.64
C GLY A 69 -9.73 -2.82 -33.75
N VAL A 70 -9.80 -3.04 -32.43
CA VAL A 70 -8.89 -2.36 -31.51
C VAL A 70 -7.41 -2.61 -31.85
N THR A 71 -7.06 -3.82 -32.26
CA THR A 71 -5.71 -4.07 -32.75
C THR A 71 -5.77 -4.34 -34.26
N PHE A 72 -4.89 -3.67 -34.98
CA PHE A 72 -4.82 -3.74 -36.44
C PHE A 72 -3.38 -3.50 -36.85
N PRO A 73 -2.74 -4.50 -37.49
CA PRO A 73 -3.21 -5.88 -37.71
C PRO A 73 -3.54 -6.55 -36.37
N ARG A 74 -4.48 -7.49 -36.39
CA ARG A 74 -4.95 -8.09 -35.15
C ARG A 74 -3.82 -8.77 -34.37
N PHE A 75 -3.74 -8.51 -33.06
CA PHE A 75 -2.81 -9.23 -32.19
C PHE A 75 -3.08 -10.73 -32.27
N GLU A 76 -2.04 -11.54 -32.11
CA GLU A 76 -2.20 -12.98 -32.13
C GLU A 76 -2.75 -13.50 -30.79
N THR A 77 -4.06 -13.68 -30.70
CA THR A 77 -4.65 -14.22 -29.49
C THR A 77 -5.57 -15.41 -29.84
N GLY A 78 -5.21 -16.13 -30.90
CA GLY A 78 -5.97 -17.30 -31.29
C GLY A 78 -7.42 -16.92 -31.52
N GLU A 79 -8.33 -17.75 -31.01
CA GLU A 79 -9.75 -17.51 -31.16
C GLU A 79 -10.31 -16.69 -29.99
N PHE A 80 -9.42 -16.19 -29.13
CA PHE A 80 -9.82 -15.41 -27.97
C PHE A 80 -9.82 -13.92 -28.26
N GLU A 81 -10.59 -13.17 -27.46
CA GLU A 81 -10.67 -11.73 -27.60
C GLU A 81 -10.13 -11.01 -26.38
N LEU A 82 -9.65 -9.79 -26.58
CA LEU A 82 -9.25 -8.94 -25.47
C LEU A 82 -10.51 -8.49 -24.74
N MET A 83 -10.62 -8.85 -23.47
CA MET A 83 -11.81 -8.43 -22.76
C MET A 83 -11.77 -6.94 -22.55
N MET A 84 -12.96 -6.36 -22.64
CA MET A 84 -13.21 -4.93 -22.53
C MET A 84 -12.72 -4.21 -23.77
N ALA A 85 -11.41 -4.22 -24.03
CA ALA A 85 -10.85 -3.46 -25.14
C ALA A 85 -11.33 -3.96 -26.50
N GLY A 86 -11.71 -5.23 -26.58
CA GLY A 86 -12.11 -5.80 -27.85
C GLY A 86 -13.62 -5.92 -28.02
N GLN A 87 -14.38 -5.29 -27.12
CA GLN A 87 -15.83 -5.41 -27.10
C GLN A 87 -16.53 -4.06 -27.20
N ASP A 88 -17.78 -4.08 -27.66
CA ASP A 88 -18.63 -2.90 -27.64
C ASP A 88 -19.69 -3.03 -26.55
N ASP A 89 -20.34 -1.93 -26.19
CA ASP A 89 -21.49 -2.00 -25.31
C ASP A 89 -22.64 -2.71 -26.02
N PRO A 90 -23.54 -3.37 -25.26
CA PRO A 90 -23.61 -3.40 -23.80
C PRO A 90 -22.64 -4.36 -23.10
N VAL A 91 -22.05 -5.29 -23.86
CA VAL A 91 -21.16 -6.30 -23.29
C VAL A 91 -19.94 -5.68 -22.59
N HIS A 92 -19.28 -4.74 -23.26
CA HIS A 92 -18.12 -4.07 -22.71
C HIS A 92 -18.37 -3.54 -21.30
N LYS A 93 -19.49 -2.84 -21.11
CA LYS A 93 -19.77 -2.20 -19.84
C LYS A 93 -19.93 -3.19 -18.69
N LYS A 94 -20.58 -4.33 -18.98
CA LYS A 94 -20.77 -5.36 -17.95
C LYS A 94 -19.45 -5.99 -17.53
N TYR A 95 -18.54 -6.20 -18.47
CA TYR A 95 -17.26 -6.83 -18.15
C TYR A 95 -16.36 -5.86 -17.41
N ARG A 96 -16.33 -4.61 -17.84
CA ARG A 96 -15.48 -3.63 -17.18
C ARG A 96 -15.92 -3.43 -15.73
N GLN A 97 -17.24 -3.48 -15.49
CA GLN A 97 -17.75 -3.34 -14.13
C GLN A 97 -17.17 -4.36 -13.15
N LEU A 98 -16.84 -5.55 -13.65
CA LEU A 98 -16.31 -6.61 -12.78
C LEU A 98 -14.94 -6.29 -12.20
N VAL A 99 -14.18 -5.44 -12.87
CA VAL A 99 -12.81 -5.15 -12.43
C VAL A 99 -12.56 -3.67 -12.15
N ALA A 100 -13.62 -2.88 -12.11
CA ALA A 100 -13.46 -1.46 -11.79
C ALA A 100 -12.86 -1.27 -10.40
N LYS A 101 -13.35 -2.02 -9.43
CA LYS A 101 -12.90 -1.83 -8.05
C LYS A 101 -11.39 -2.12 -7.85
N PRO A 102 -10.87 -3.25 -8.36
CA PRO A 102 -9.42 -3.43 -8.11
C PRO A 102 -8.51 -2.43 -8.83
N PHE A 103 -9.03 -1.67 -9.79
CA PHE A 103 -8.23 -0.66 -10.46
C PHE A 103 -8.52 0.74 -9.98
N SER A 104 -9.36 0.84 -8.94
CA SER A 104 -9.65 2.13 -8.35
C SER A 104 -8.39 2.72 -7.72
N PRO A 105 -8.34 4.06 -7.60
CA PRO A 105 -7.16 4.68 -6.98
C PRO A 105 -6.82 4.09 -5.61
N GLU A 106 -7.80 3.84 -4.75
CA GLU A 106 -7.53 3.28 -3.43
C GLU A 106 -6.91 1.88 -3.52
N ALA A 107 -7.44 1.05 -4.42
CA ALA A 107 -6.96 -0.32 -4.54
C ALA A 107 -5.55 -0.36 -5.10
N THR A 108 -5.25 0.49 -6.07
CA THR A 108 -3.94 0.44 -6.72
C THR A 108 -2.88 1.17 -5.90
N ASP A 109 -3.32 2.15 -5.10
CA ASP A 109 -2.41 2.81 -4.16
C ASP A 109 -1.81 1.83 -3.14
N LEU A 110 -2.50 0.71 -2.92
CA LEU A 110 -2.00 -0.30 -1.98
C LEU A 110 -0.65 -0.88 -2.35
N PHE A 111 -0.27 -0.74 -3.62
CA PHE A 111 0.99 -1.30 -4.10
C PHE A 111 2.17 -0.33 -4.14
N THR A 112 1.96 0.89 -3.69
CA THR A 112 2.98 1.93 -3.78
C THR A 112 4.31 1.48 -3.15
N GLU A 113 4.26 0.97 -1.93
CA GLU A 113 5.53 0.64 -1.27
C GLU A 113 6.16 -0.65 -1.85
N GLN A 114 5.33 -1.56 -2.33
CA GLN A 114 5.83 -2.76 -3.00
C GLN A 114 6.58 -2.41 -4.28
N LEU A 115 6.08 -1.43 -5.03
CA LEU A 115 6.79 -0.97 -6.23
C LEU A 115 8.08 -0.30 -5.83
N ARG A 116 8.03 0.41 -4.71
CA ARG A 116 9.20 1.14 -4.24
C ARG A 116 10.30 0.18 -3.85
N GLN A 117 9.92 -0.87 -3.11
CA GLN A 117 10.86 -1.90 -2.72
C GLN A 117 11.39 -2.67 -3.94
N SER A 118 10.51 -3.02 -4.87
CA SER A 118 10.92 -3.75 -6.07
C SER A 118 11.90 -2.93 -6.91
N THR A 119 11.61 -1.65 -7.12
CA THR A 119 12.51 -0.79 -7.88
C THR A 119 13.91 -0.77 -7.25
N ASN A 120 13.95 -0.61 -5.93
CA ASN A 120 15.23 -0.58 -5.25
C ASN A 120 15.98 -1.93 -5.29
N ASP A 121 15.24 -3.03 -5.19
CA ASP A 121 15.83 -4.37 -5.27
C ASP A 121 16.41 -4.65 -6.65
N LEU A 122 15.68 -4.21 -7.67
CA LEU A 122 16.17 -4.31 -9.03
C LEU A 122 17.40 -3.44 -9.25
N ILE A 123 17.35 -2.18 -8.79
CA ILE A 123 18.52 -1.32 -8.90
C ILE A 123 19.73 -1.95 -8.18
N ASP A 124 19.48 -2.55 -7.01
CA ASP A 124 20.56 -3.25 -6.27
C ASP A 124 21.35 -4.26 -7.12
N ALA A 125 20.68 -4.89 -8.08
CA ALA A 125 21.29 -5.95 -8.89
C ALA A 125 22.43 -5.49 -9.81
N ARG A 126 22.50 -4.19 -10.14
CA ARG A 126 23.51 -3.72 -11.10
C ARG A 126 24.23 -2.43 -10.70
N ILE A 127 23.85 -1.85 -9.58
CA ILE A 127 24.38 -0.54 -9.20
C ILE A 127 25.88 -0.60 -8.92
N GLU A 128 26.39 -1.77 -8.54
CA GLU A 128 27.81 -1.97 -8.28
C GLU A 128 28.61 -2.14 -9.56
N LEU A 129 27.91 -2.38 -10.66
CA LEU A 129 28.57 -2.68 -11.94
C LEU A 129 28.82 -1.44 -12.78
N GLY A 130 28.03 -0.40 -12.55
CA GLY A 130 28.23 0.86 -13.26
C GLY A 130 27.69 0.85 -14.68
N GLU A 131 26.96 -0.20 -15.03
CA GLU A 131 26.34 -0.30 -16.34
C GLU A 131 25.16 -1.23 -16.35
N GLY A 132 24.23 -1.00 -17.28
CA GLY A 132 23.09 -1.86 -17.41
C GLY A 132 22.17 -1.32 -18.47
N ASP A 133 21.28 -2.18 -18.95
CA ASP A 133 20.25 -1.81 -19.90
C ASP A 133 19.03 -1.43 -19.09
N ALA A 134 18.71 -0.15 -19.04
CA ALA A 134 17.61 0.31 -18.20
C ALA A 134 16.27 -0.31 -18.60
N ALA A 135 16.12 -0.68 -19.86
CA ALA A 135 14.89 -1.33 -20.30
C ALA A 135 14.79 -2.73 -19.73
N THR A 136 15.79 -3.57 -19.99
CA THR A 136 15.68 -4.97 -19.62
C THR A 136 15.86 -5.17 -18.11
N TRP A 137 16.66 -4.31 -17.51
CA TRP A 137 16.98 -4.40 -16.09
C TRP A 137 15.88 -3.81 -15.20
N LEU A 138 15.31 -2.68 -15.60
CA LEU A 138 14.34 -1.94 -14.77
C LEU A 138 12.94 -1.77 -15.37
N ALA A 139 12.87 -1.15 -16.53
CA ALA A 139 11.57 -0.81 -17.12
C ALA A 139 10.73 -2.05 -17.43
N ASN A 140 11.37 -3.15 -17.86
CA ASN A 140 10.63 -4.37 -18.12
C ASN A 140 10.19 -5.04 -16.84
N GLU A 141 11.04 -4.95 -15.82
CA GLU A 141 10.86 -5.79 -14.64
C GLU A 141 9.91 -5.20 -13.61
N ILE A 142 9.89 -3.87 -13.47
CA ILE A 142 8.98 -3.27 -12.51
C ILE A 142 7.50 -3.59 -12.82
N PRO A 143 7.02 -3.32 -14.06
CA PRO A 143 5.65 -3.73 -14.37
C PRO A 143 5.43 -5.24 -14.49
N ALA A 144 6.44 -5.99 -14.91
CA ALA A 144 6.25 -7.43 -15.07
C ALA A 144 5.98 -8.07 -13.72
N ARG A 145 6.69 -7.57 -12.70
CA ARG A 145 6.54 -8.15 -11.38
C ARG A 145 5.21 -7.76 -10.75
N LEU A 146 4.82 -6.51 -10.94
CA LEU A 146 3.54 -6.01 -10.43
C LEU A 146 2.38 -6.76 -11.06
N THR A 147 2.46 -6.93 -12.37
CA THR A 147 1.43 -7.61 -13.13
C THR A 147 1.30 -9.07 -12.70
N ALA A 148 2.41 -9.73 -12.44
CA ALA A 148 2.36 -11.11 -11.98
C ALA A 148 1.59 -11.14 -10.67
N ILE A 149 1.85 -10.16 -9.81
CA ILE A 149 1.11 -10.05 -8.56
C ILE A 149 -0.39 -9.81 -8.74
N LEU A 150 -0.78 -8.88 -9.61
CA LEU A 150 -2.19 -8.65 -9.93
C LEU A 150 -2.90 -9.91 -10.41
N LEU A 151 -2.17 -10.75 -11.13
CA LEU A 151 -2.77 -11.93 -11.77
C LEU A 151 -2.56 -13.20 -10.96
N GLY A 152 -1.79 -13.10 -9.86
CA GLY A 152 -1.54 -14.26 -9.02
C GLY A 152 -0.60 -15.26 -9.67
N LEU A 153 0.40 -14.73 -10.38
CA LEU A 153 1.44 -15.52 -11.05
C LEU A 153 2.77 -15.36 -10.29
N PRO A 154 3.69 -16.32 -10.45
CA PRO A 154 5.03 -16.12 -9.88
C PRO A 154 5.80 -14.95 -10.52
N PRO A 155 6.30 -14.00 -9.71
CA PRO A 155 6.92 -12.78 -10.23
C PRO A 155 8.29 -13.02 -10.86
N GLU A 156 8.90 -14.17 -10.56
CA GLU A 156 10.23 -14.47 -11.09
C GLU A 156 10.22 -15.08 -12.48
N ASP A 157 9.03 -15.27 -13.04
CA ASP A 157 8.91 -15.88 -14.37
C ASP A 157 8.70 -14.87 -15.49
N GLY A 158 9.26 -13.67 -15.34
CA GLY A 158 9.04 -12.60 -16.30
C GLY A 158 9.44 -12.93 -17.73
N ASP A 159 10.52 -13.68 -17.90
CA ASP A 159 10.93 -14.01 -19.25
C ASP A 159 9.90 -14.90 -19.95
N THR A 160 9.22 -15.75 -19.19
CA THR A 160 8.14 -16.56 -19.76
C THR A 160 7.00 -15.65 -20.22
N TYR A 161 6.61 -14.70 -19.38
CA TYR A 161 5.50 -13.81 -19.73
C TYR A 161 5.88 -12.90 -20.90
N ARG A 162 7.12 -12.45 -20.93
CA ARG A 162 7.57 -11.62 -22.05
C ARG A 162 7.59 -12.40 -23.36
N ARG A 163 7.90 -13.70 -23.29
CA ARG A 163 7.89 -14.54 -24.49
C ARG A 163 6.46 -14.63 -25.04
N TRP A 164 5.48 -14.80 -24.15
CA TRP A 164 4.07 -14.79 -24.59
C TRP A 164 3.68 -13.47 -25.26
N VAL A 165 4.00 -12.35 -24.62
CA VAL A 165 3.63 -11.06 -25.15
C VAL A 165 4.30 -10.77 -26.50
N TRP A 166 5.55 -11.19 -26.67
CA TRP A 166 6.25 -11.04 -27.94
C TRP A 166 5.54 -11.81 -29.05
N ALA A 167 5.04 -13.00 -28.72
CA ALA A 167 4.28 -13.77 -29.69
C ALA A 167 2.98 -13.09 -30.07
N ILE A 168 2.31 -12.47 -29.09
CA ILE A 168 1.06 -11.78 -29.35
C ILE A 168 1.25 -10.57 -30.25
N THR A 169 2.36 -9.86 -30.07
CA THR A 169 2.53 -8.54 -30.66
C THR A 169 3.54 -8.46 -31.81
N HIS A 170 4.56 -9.32 -31.87
CA HIS A 170 5.65 -9.11 -32.85
C HIS A 170 6.22 -10.30 -33.61
N VAL A 171 5.98 -11.53 -33.17
CA VAL A 171 6.55 -12.69 -33.86
C VAL A 171 5.98 -12.72 -35.26
N GLU A 172 6.84 -12.74 -36.28
CA GLU A 172 6.35 -12.65 -37.66
C GLU A 172 5.83 -13.98 -38.19
N ASN A 173 6.44 -15.09 -37.82
CA ASN A 173 5.94 -16.40 -38.27
C ASN A 173 4.65 -16.73 -37.52
N PRO A 174 3.54 -16.81 -38.26
CA PRO A 174 2.22 -16.96 -37.63
C PRO A 174 2.04 -18.30 -36.93
N GLU A 175 2.63 -19.38 -37.44
CA GLU A 175 2.56 -20.67 -36.76
C GLU A 175 3.24 -20.63 -35.41
N GLU A 176 4.44 -20.04 -35.38
CA GLU A 176 5.19 -19.88 -34.15
C GLU A 176 4.42 -19.03 -33.17
N GLY A 177 3.94 -17.88 -33.65
CA GLY A 177 3.18 -16.96 -32.81
C GLY A 177 1.96 -17.61 -32.19
N ALA A 178 1.19 -18.32 -33.01
CA ALA A 178 -0.02 -18.98 -32.53
C ALA A 178 0.29 -20.06 -31.50
N GLU A 179 1.39 -20.76 -31.70
CA GLU A 179 1.73 -21.84 -30.79
C GLU A 179 2.22 -21.31 -29.44
N ILE A 180 2.92 -20.18 -29.45
CA ILE A 180 3.37 -19.61 -28.19
C ILE A 180 2.19 -18.99 -27.45
N PHE A 181 1.25 -18.37 -28.17
CA PHE A 181 0.05 -17.90 -27.48
C PHE A 181 -0.71 -19.08 -26.86
N ALA A 182 -0.72 -20.22 -27.55
CA ALA A 182 -1.35 -21.43 -27.00
C ALA A 182 -0.67 -21.87 -25.69
N GLU A 183 0.62 -21.57 -25.52
CA GLU A 183 1.28 -21.84 -24.24
C GLU A 183 0.72 -20.95 -23.11
N LEU A 184 0.48 -19.66 -23.42
CA LEU A 184 -0.19 -18.78 -22.48
C LEU A 184 -1.53 -19.38 -22.06
N VAL A 185 -2.30 -19.83 -23.04
CA VAL A 185 -3.64 -20.37 -22.78
C VAL A 185 -3.55 -21.59 -21.87
N ALA A 186 -2.56 -22.46 -22.09
CA ALA A 186 -2.39 -23.65 -21.25
C ALA A 186 -2.08 -23.23 -19.81
N HIS A 187 -1.19 -22.25 -19.65
CA HIS A 187 -0.88 -21.76 -18.31
C HIS A 187 -2.07 -21.07 -17.65
N ALA A 188 -2.84 -20.29 -18.43
CA ALA A 188 -4.02 -19.63 -17.87
C ALA A 188 -5.05 -20.65 -17.39
N ARG A 189 -5.25 -21.72 -18.17
CA ARG A 189 -6.19 -22.77 -17.78
C ARG A 189 -5.84 -23.38 -16.42
N THR A 190 -4.55 -23.66 -16.23
CA THR A 190 -4.07 -24.24 -14.99
C THR A 190 -4.28 -23.27 -13.81
N LEU A 191 -3.97 -22.00 -14.04
CA LEU A 191 -4.17 -20.97 -13.02
C LEU A 191 -5.64 -20.87 -12.63
N ILE A 192 -6.52 -20.82 -13.62
CA ILE A 192 -7.96 -20.71 -13.37
C ILE A 192 -8.47 -21.89 -12.54
N ALA A 193 -8.08 -23.11 -12.91
CA ALA A 193 -8.49 -24.29 -12.16
C ALA A 193 -8.00 -24.21 -10.72
N GLU A 194 -6.77 -23.73 -10.52
CA GLU A 194 -6.21 -23.65 -9.17
C GLU A 194 -6.99 -22.64 -8.34
N ARG A 195 -7.30 -21.49 -8.94
CA ARG A 195 -7.97 -20.43 -8.18
C ARG A 195 -9.41 -20.79 -7.88
N ARG A 196 -9.99 -21.69 -8.68
CA ARG A 196 -11.32 -22.24 -8.44
CA ARG A 196 -11.36 -22.09 -8.40
C ARG A 196 -11.47 -22.79 -7.04
N THR A 197 -10.45 -23.55 -6.66
CA THR A 197 -10.44 -24.27 -5.41
C THR A 197 -9.81 -23.47 -4.28
N ASN A 198 -8.92 -22.56 -4.64
CA ASN A 198 -8.17 -21.78 -3.67
C ASN A 198 -8.09 -20.32 -4.09
N PRO A 199 -9.24 -19.60 -4.07
CA PRO A 199 -9.34 -18.21 -4.53
C PRO A 199 -8.54 -17.23 -3.68
N GLY A 200 -7.70 -16.42 -4.32
CA GLY A 200 -6.92 -15.43 -3.60
C GLY A 200 -7.50 -14.01 -3.64
N ASN A 201 -6.63 -13.04 -3.32
CA ASN A 201 -7.00 -11.62 -3.32
C ASN A 201 -6.87 -10.95 -4.68
N ASP A 202 -6.35 -11.71 -5.63
CA ASP A 202 -5.94 -11.15 -6.91
C ASP A 202 -7.12 -10.96 -7.86
N ILE A 203 -6.84 -10.36 -9.01
CA ILE A 203 -7.90 -9.99 -9.94
C ILE A 203 -8.44 -11.21 -10.70
N MET A 204 -7.59 -12.20 -10.98
CA MET A 204 -8.11 -13.41 -11.64
C MET A 204 -9.11 -14.11 -10.73
N SER A 205 -8.76 -14.28 -9.46
CA SER A 205 -9.67 -14.88 -8.50
C SER A 205 -10.99 -14.13 -8.50
N ARG A 206 -10.92 -12.81 -8.55
CA ARG A 206 -12.11 -11.98 -8.58
C ARG A 206 -13.02 -12.27 -9.79
N VAL A 207 -12.48 -12.28 -11.01
CA VAL A 207 -13.34 -12.51 -12.17
C VAL A 207 -13.80 -13.96 -12.24
N ILE A 208 -12.97 -14.89 -11.75
CA ILE A 208 -13.30 -16.30 -11.74
C ILE A 208 -14.54 -16.54 -10.85
N MET A 209 -14.65 -15.75 -9.78
CA MET A 209 -15.78 -15.87 -8.85
C MET A 209 -16.95 -14.95 -9.19
N SER A 210 -16.79 -14.15 -10.22
CA SER A 210 -17.81 -13.18 -10.58
C SER A 210 -18.94 -13.83 -11.34
N LYS A 211 -20.06 -13.11 -11.45
CA LYS A 211 -21.15 -13.52 -12.30
C LYS A 211 -21.68 -12.33 -13.10
N ILE A 212 -22.14 -12.61 -14.30
CA ILE A 212 -22.87 -11.63 -15.10
C ILE A 212 -24.23 -12.18 -15.50
N ASP A 213 -25.27 -11.42 -15.15
CA ASP A 213 -26.64 -11.83 -15.40
C ASP A 213 -26.90 -13.22 -14.83
N GLY A 214 -26.36 -13.47 -13.64
CA GLY A 214 -26.58 -14.70 -12.92
C GLY A 214 -25.71 -15.89 -13.25
N GLU A 215 -24.86 -15.75 -14.27
CA GLU A 215 -24.04 -16.88 -14.73
C GLU A 215 -22.54 -16.60 -14.60
N SER A 216 -21.77 -17.64 -14.29
CA SER A 216 -20.31 -17.50 -14.21
C SER A 216 -19.72 -17.27 -15.60
N LEU A 217 -18.55 -16.65 -15.66
CA LEU A 217 -17.90 -16.37 -16.94
C LEU A 217 -17.33 -17.64 -17.56
N SER A 218 -17.37 -17.71 -18.88
CA SER A 218 -16.74 -18.83 -19.61
C SER A 218 -15.23 -18.79 -19.46
N GLU A 219 -14.60 -19.94 -19.65
CA GLU A 219 -13.15 -20.02 -19.62
C GLU A 219 -12.55 -19.10 -20.67
N ASP A 220 -13.18 -19.02 -21.85
CA ASP A 220 -12.69 -18.14 -22.90
C ASP A 220 -12.67 -16.67 -22.44
N ASP A 221 -13.70 -16.24 -21.71
CA ASP A 221 -13.76 -14.87 -21.19
C ASP A 221 -12.67 -14.62 -20.16
N LEU A 222 -12.44 -15.61 -19.30
CA LEU A 222 -11.41 -15.51 -18.29
C LEU A 222 -10.00 -15.39 -18.90
N ILE A 223 -9.75 -16.15 -19.95
CA ILE A 223 -8.47 -16.07 -20.65
C ILE A 223 -8.28 -14.70 -21.33
N GLY A 224 -9.38 -14.12 -21.82
CA GLY A 224 -9.36 -12.77 -22.36
C GLY A 224 -9.01 -11.72 -21.31
N PHE A 225 -9.52 -11.89 -20.09
CA PHE A 225 -9.17 -10.99 -18.99
C PHE A 225 -7.67 -11.11 -18.69
N PHE A 226 -7.21 -12.35 -18.57
CA PHE A 226 -5.79 -12.63 -18.27
C PHE A 226 -4.89 -11.98 -19.32
N THR A 227 -5.25 -12.14 -20.60
CA THR A 227 -4.43 -11.64 -21.70
C THR A 227 -4.32 -10.12 -21.74
N ILE A 228 -5.44 -9.39 -21.61
CA ILE A 228 -5.35 -7.93 -21.73
C ILE A 228 -4.62 -7.31 -20.54
N LEU A 229 -4.77 -7.90 -19.37
CA LEU A 229 -4.09 -7.34 -18.20
C LEU A 229 -2.59 -7.62 -18.30
N LEU A 230 -2.24 -8.78 -18.83
CA LEU A 230 -0.85 -9.10 -19.11
C LEU A 230 -0.22 -8.11 -20.09
N LEU A 231 -0.92 -7.83 -21.19
CA LEU A 231 -0.43 -6.85 -22.17
C LEU A 231 -0.23 -5.46 -21.60
N GLY A 232 -1.19 -4.96 -20.81
CA GLY A 232 -1.05 -3.64 -20.21
C GLY A 232 0.26 -3.41 -19.45
N GLY A 233 0.69 -4.40 -18.69
CA GLY A 233 1.94 -4.30 -17.93
C GLY A 233 3.20 -4.57 -18.73
N ILE A 234 3.25 -5.78 -19.28
CA ILE A 234 4.46 -6.29 -19.92
C ILE A 234 4.80 -5.56 -21.22
N ASP A 235 3.76 -5.07 -21.89
CA ASP A 235 3.99 -4.35 -23.14
C ASP A 235 3.93 -2.85 -22.87
N ASN A 236 2.72 -2.32 -22.68
CA ASN A 236 2.53 -0.87 -22.64
C ASN A 236 3.39 -0.18 -21.60
N THR A 237 3.34 -0.64 -20.37
CA THR A 237 4.03 0.06 -19.30
C THR A 237 5.54 -0.03 -19.47
N ALA A 238 6.02 -1.20 -19.88
CA ALA A 238 7.46 -1.43 -20.06
C ALA A 238 8.01 -0.51 -21.15
N ARG A 239 7.28 -0.37 -22.24
CA ARG A 239 7.77 0.47 -23.33
C ARG A 239 7.76 1.95 -22.94
N PHE A 240 6.72 2.37 -22.22
CA PHE A 240 6.66 3.76 -21.73
C PHE A 240 7.82 4.05 -20.78
N LEU A 241 8.00 3.20 -19.78
CA LEU A 241 9.08 3.45 -18.81
C LEU A 241 10.46 3.40 -19.49
N SER A 242 10.62 2.51 -20.46
CA SER A 242 11.89 2.45 -21.18
C SER A 242 12.21 3.78 -21.88
N SER A 243 11.22 4.31 -22.58
CA SER A 243 11.36 5.62 -23.22
C SER A 243 11.68 6.73 -22.22
N VAL A 244 11.03 6.70 -21.07
CA VAL A 244 11.31 7.69 -20.02
C VAL A 244 12.75 7.61 -19.51
N PHE A 245 13.23 6.39 -19.27
CA PHE A 245 14.63 6.24 -18.82
C PHE A 245 15.60 6.73 -19.88
N TRP A 246 15.31 6.46 -21.14
CA TRP A 246 16.13 6.94 -22.23
C TRP A 246 16.16 8.47 -22.23
N ARG A 247 15.00 9.08 -22.10
CA ARG A 247 14.92 10.56 -22.11
C ARG A 247 15.70 11.16 -20.95
N LEU A 248 15.57 10.56 -19.76
CA LEU A 248 16.26 11.07 -18.58
C LEU A 248 17.77 10.88 -18.63
N ALA A 249 18.21 9.90 -19.42
CA ALA A 249 19.62 9.60 -19.57
C ALA A 249 20.36 10.70 -20.31
N TRP A 250 19.74 11.29 -21.33
CA TRP A 250 20.41 12.38 -22.05
C TRP A 250 19.90 13.80 -21.76
N ASP A 251 18.65 13.93 -21.33
CA ASP A 251 18.06 15.26 -21.11
C ASP A 251 18.37 15.72 -19.70
N ILE A 252 19.55 16.30 -19.53
CA ILE A 252 20.09 16.61 -18.22
C ILE A 252 19.33 17.76 -17.57
N GLU A 253 18.66 18.56 -18.41
CA GLU A 253 17.83 19.66 -17.94
C GLU A 253 16.54 19.16 -17.30
N LEU A 254 15.85 18.26 -17.98
CA LEU A 254 14.67 17.65 -17.39
C LEU A 254 15.04 16.92 -16.10
N ARG A 255 16.15 16.18 -16.14
CA ARG A 255 16.54 15.37 -14.99
C ARG A 255 16.80 16.23 -13.75
N ARG A 256 17.57 17.31 -13.89
CA ARG A 256 17.88 18.10 -12.70
C ARG A 256 16.63 18.73 -12.12
N ARG A 257 15.66 19.08 -12.96
CA ARG A 257 14.44 19.70 -12.45
C ARG A 257 13.59 18.71 -11.64
N LEU A 258 13.54 17.46 -12.07
CA LEU A 258 12.78 16.44 -11.32
C LEU A 258 13.45 16.12 -9.99
N ILE A 259 14.77 16.19 -9.95
CA ILE A 259 15.49 15.99 -8.70
C ILE A 259 15.32 17.19 -7.76
N ALA A 260 15.29 18.40 -8.31
CA ALA A 260 15.15 19.60 -7.48
C ALA A 260 13.71 19.82 -7.01
N HIS A 261 12.77 19.32 -7.81
CA HIS A 261 11.34 19.50 -7.56
C HIS A 261 10.58 18.20 -7.63
N PRO A 262 10.77 17.32 -6.64
CA PRO A 262 10.10 16.02 -6.72
C PRO A 262 8.58 16.15 -6.74
N GLU A 263 8.05 17.26 -6.24
CA GLU A 263 6.61 17.48 -6.23
C GLU A 263 6.04 17.63 -7.65
N LEU A 264 6.92 17.92 -8.62
CA LEU A 264 6.51 18.03 -10.01
C LEU A 264 6.55 16.69 -10.75
N ILE A 265 7.04 15.62 -10.12
CA ILE A 265 7.13 14.36 -10.83
C ILE A 265 5.77 13.84 -11.34
N PRO A 266 4.67 13.90 -10.55
CA PRO A 266 3.41 13.41 -11.15
C PRO A 266 2.99 14.19 -12.42
N ASN A 267 3.10 15.51 -12.41
CA ASN A 267 2.75 16.27 -13.59
C ASN A 267 3.73 16.00 -14.74
N ALA A 268 5.00 15.77 -14.39
CA ALA A 268 6.01 15.41 -15.40
C ALA A 268 5.70 14.04 -16.01
N VAL A 269 5.20 13.11 -15.20
CA VAL A 269 4.80 11.80 -15.70
C VAL A 269 3.67 11.97 -16.71
N ASP A 270 2.74 12.88 -16.42
CA ASP A 270 1.66 13.15 -17.35
C ASP A 270 2.17 13.72 -18.67
N GLU A 271 3.16 14.60 -18.59
CA GLU A 271 3.71 15.21 -19.81
C GLU A 271 4.56 14.20 -20.59
N LEU A 272 5.25 13.32 -19.87
CA LEU A 272 5.97 12.24 -20.55
C LEU A 272 5.01 11.23 -21.18
N LEU A 273 3.84 11.03 -20.56
CA LEU A 273 2.81 10.22 -21.19
C LEU A 273 2.32 10.84 -22.50
N ARG A 274 2.14 12.16 -22.50
CA ARG A 274 1.77 12.83 -23.75
C ARG A 274 2.83 12.58 -24.82
N PHE A 275 4.09 12.74 -24.43
CA PHE A 275 5.18 12.80 -25.42
C PHE A 275 5.68 11.42 -25.86
N TYR A 276 5.69 10.45 -24.95
CA TYR A 276 6.22 9.11 -25.21
C TYR A 276 5.14 8.04 -25.07
N GLY A 277 3.86 8.44 -25.06
CA GLY A 277 2.77 7.46 -24.97
C GLY A 277 2.94 6.40 -26.05
N PRO A 278 3.03 5.13 -25.64
CA PRO A 278 3.39 4.13 -26.64
C PRO A 278 2.24 3.70 -27.56
N ALA A 279 1.00 3.98 -27.21
CA ALA A 279 -0.13 3.27 -27.82
C ALA A 279 -0.78 3.98 -29.00
N MET A 280 -1.24 3.15 -29.94
CA MET A 280 -2.26 3.54 -30.89
C MET A 280 -3.37 2.51 -30.80
N VAL A 281 -4.56 2.82 -31.33
CA VAL A 281 -5.63 1.83 -31.39
C VAL A 281 -6.34 1.94 -32.72
N GLY A 282 -7.01 0.85 -33.10
CA GLY A 282 -7.83 0.83 -34.31
C GLY A 282 -9.32 0.83 -33.98
N ARG A 283 -10.11 1.10 -35.02
CA ARG A 283 -11.56 1.00 -34.97
C ARG A 283 -12.03 0.39 -36.27
N LEU A 284 -12.96 -0.55 -36.17
CA LEU A 284 -13.58 -1.15 -37.34
C LEU A 284 -14.82 -0.31 -37.70
N VAL A 285 -14.90 0.16 -38.94
CA VAL A 285 -16.06 0.94 -39.35
C VAL A 285 -17.25 0.03 -39.55
N THR A 286 -18.37 0.31 -38.89
CA THR A 286 -19.55 -0.54 -39.00
C THR A 286 -20.73 0.15 -39.73
N GLN A 287 -20.64 1.46 -39.94
CA GLN A 287 -21.65 2.17 -40.71
C GLN A 287 -20.98 3.29 -41.47
N GLU A 288 -21.56 3.66 -42.59
CA GLU A 288 -21.02 4.76 -43.37
C GLU A 288 -21.03 6.01 -42.51
N VAL A 289 -19.92 6.73 -42.53
CA VAL A 289 -19.74 7.83 -41.60
C VAL A 289 -18.77 8.84 -42.18
N THR A 290 -19.10 10.12 -42.00
CA THR A 290 -18.25 11.18 -42.49
C THR A 290 -17.60 11.90 -41.31
N VAL A 291 -16.27 12.00 -41.38
CA VAL A 291 -15.52 12.72 -40.37
C VAL A 291 -14.69 13.74 -41.12
N GLY A 292 -14.99 15.02 -40.92
CA GLY A 292 -14.36 16.06 -41.70
C GLY A 292 -14.64 15.91 -43.18
N ASP A 293 -13.57 15.81 -43.97
CA ASP A 293 -13.69 15.69 -45.42
C ASP A 293 -13.85 14.25 -45.91
N ILE A 294 -13.73 13.31 -44.97
CA ILE A 294 -13.59 11.90 -45.34
C ILE A 294 -14.83 11.09 -45.05
N THR A 295 -15.29 10.32 -46.04
CA THR A 295 -16.38 9.39 -45.79
C THR A 295 -15.84 7.96 -45.75
N MET A 296 -16.04 7.30 -44.61
CA MET A 296 -15.58 5.94 -44.41
C MET A 296 -16.73 4.96 -44.57
N LYS A 297 -16.40 3.74 -44.98
CA LYS A 297 -17.38 2.73 -45.34
C LYS A 297 -17.23 1.49 -44.47
N PRO A 298 -18.34 0.77 -44.22
CA PRO A 298 -18.28 -0.43 -43.38
C PRO A 298 -17.25 -1.45 -43.86
N GLY A 299 -16.49 -1.98 -42.91
CA GLY A 299 -15.43 -2.93 -43.20
C GLY A 299 -14.06 -2.29 -43.29
N GLN A 300 -13.99 -0.97 -43.47
CA GLN A 300 -12.71 -0.27 -43.41
C GLN A 300 -12.24 -0.16 -41.97
N THR A 301 -10.97 0.15 -41.78
CA THR A 301 -10.40 0.33 -40.45
C THR A 301 -9.82 1.70 -40.35
N ALA A 302 -10.01 2.34 -39.20
CA ALA A 302 -9.36 3.61 -38.92
C ALA A 302 -8.36 3.42 -37.78
N MET A 303 -7.11 3.79 -38.02
CA MET A 303 -6.07 3.77 -36.98
C MET A 303 -5.99 5.13 -36.33
N LEU A 304 -6.10 5.18 -35.00
CA LEU A 304 -6.03 6.44 -34.27
C LEU A 304 -4.60 6.69 -33.80
N TRP A 305 -3.94 7.64 -34.48
CA TRP A 305 -2.53 7.90 -34.24
C TRP A 305 -2.39 8.91 -33.10
N PHE A 306 -2.65 8.43 -31.90
CA PHE A 306 -2.57 9.26 -30.70
C PHE A 306 -1.29 10.11 -30.61
N PRO A 307 -0.09 9.56 -30.95
CA PRO A 307 1.12 10.41 -30.83
C PRO A 307 1.09 11.67 -31.70
N ILE A 308 0.34 11.63 -32.81
CA ILE A 308 0.26 12.79 -33.69
C ILE A 308 -0.74 13.79 -33.10
N ALA A 309 -1.88 13.29 -32.64
CA ALA A 309 -2.88 14.16 -32.01
C ALA A 309 -2.36 14.80 -30.74
N SER A 310 -1.51 14.08 -30.00
CA SER A 310 -0.95 14.62 -28.76
C SER A 310 0.07 15.74 -29.04
N ARG A 311 0.35 15.98 -30.33
CA ARG A 311 1.25 17.04 -30.77
C ARG A 311 0.53 18.13 -31.59
N ASP A 312 -0.80 18.11 -31.58
CA ASP A 312 -1.61 19.04 -32.37
C ASP A 312 -1.53 20.45 -31.81
N ARG A 313 -1.11 21.40 -32.65
CA ARG A 313 -0.93 22.79 -32.20
C ARG A 313 -2.25 23.46 -31.84
N SER A 314 -3.36 22.95 -32.35
CA SER A 314 -4.64 23.54 -32.01
C SER A 314 -5.17 23.03 -30.66
N ALA A 315 -4.55 21.98 -30.13
CA ALA A 315 -4.96 21.43 -28.83
C ALA A 315 -3.94 21.71 -27.71
N PHE A 316 -2.68 21.91 -28.08
CA PHE A 316 -1.60 22.15 -27.11
C PHE A 316 -0.73 23.32 -27.51
N ASP A 317 -0.39 24.19 -26.55
CA ASP A 317 0.64 25.20 -26.75
C ASP A 317 2.03 24.55 -26.78
N SER A 318 2.88 24.95 -27.72
CA SER A 318 4.26 24.44 -27.77
C SER A 318 4.32 22.91 -27.64
N PRO A 319 3.65 22.20 -28.54
CA PRO A 319 3.51 20.74 -28.37
C PRO A 319 4.80 19.94 -28.51
N ASP A 320 5.84 20.55 -29.07
CA ASP A 320 7.08 19.79 -29.31
C ASP A 320 8.02 19.90 -28.13
N ASN A 321 7.60 20.60 -27.08
CA ASN A 321 8.41 20.75 -25.88
C ASN A 321 7.81 19.97 -24.74
N ILE A 322 8.66 19.38 -23.90
CA ILE A 322 8.21 18.73 -22.68
C ILE A 322 8.12 19.79 -21.59
N VAL A 323 6.91 20.23 -21.32
CA VAL A 323 6.62 21.31 -20.39
C VAL A 323 6.06 20.63 -19.14
N ILE A 324 6.89 20.43 -18.13
CA ILE A 324 6.49 19.50 -17.08
C ILE A 324 5.36 20.07 -16.22
N GLU A 325 5.15 21.38 -16.30
CA GLU A 325 4.06 22.02 -15.55
C GLU A 325 2.77 22.11 -16.36
N ARG A 326 2.74 21.51 -17.55
CA ARG A 326 1.57 21.58 -18.42
C ARG A 326 0.29 21.06 -17.79
N THR A 327 -0.78 21.84 -17.89
CA THR A 327 -2.08 21.46 -17.37
C THR A 327 -3.10 22.25 -18.20
N PRO A 328 -4.27 21.64 -18.50
CA PRO A 328 -4.80 20.33 -18.08
C PRO A 328 -4.20 19.11 -18.78
N ASN A 329 -3.49 19.34 -19.87
CA ASN A 329 -2.80 18.29 -20.63
C ASN A 329 -3.74 17.14 -20.97
N ARG A 330 -4.77 17.40 -21.76
CA ARG A 330 -5.72 16.36 -22.06
C ARG A 330 -5.25 15.59 -23.31
N HIS A 331 -4.10 14.95 -23.15
CA HIS A 331 -3.55 14.09 -24.18
C HIS A 331 -4.37 12.82 -24.35
N LEU A 332 -4.14 12.11 -25.45
CA LEU A 332 -4.92 10.93 -25.77
C LEU A 332 -4.15 9.65 -25.56
N SER A 333 -3.06 9.70 -24.81
CA SER A 333 -2.21 8.52 -24.66
C SER A 333 -2.88 7.36 -23.93
N LEU A 334 -3.89 7.67 -23.12
CA LEU A 334 -4.66 6.64 -22.42
C LEU A 334 -6.05 6.47 -23.01
N GLY A 335 -6.24 6.98 -24.23
CA GLY A 335 -7.55 6.92 -24.86
C GLY A 335 -8.51 8.00 -24.37
N HIS A 336 -9.80 7.79 -24.62
CA HIS A 336 -10.82 8.77 -24.37
C HIS A 336 -12.18 8.11 -24.59
N GLY A 337 -13.16 8.43 -23.75
CA GLY A 337 -14.48 7.83 -23.87
C GLY A 337 -14.61 6.52 -23.11
N ILE A 338 -15.47 5.64 -23.60
CA ILE A 338 -15.85 4.49 -22.78
C ILE A 338 -14.74 3.46 -22.59
N HIS A 339 -13.74 3.44 -23.46
CA HIS A 339 -12.62 2.50 -23.32
C HIS A 339 -11.36 3.09 -22.67
N ARG A 340 -11.47 4.30 -22.12
CA ARG A 340 -10.30 4.97 -21.56
C ARG A 340 -9.59 4.06 -20.55
N CYS A 341 -8.26 3.99 -20.64
CA CYS A 341 -7.43 3.04 -19.90
C CYS A 341 -7.87 2.73 -18.48
N LEU A 342 -8.16 1.46 -18.24
CA LEU A 342 -8.50 0.96 -16.93
C LEU A 342 -7.32 1.13 -15.94
N GLY A 343 -6.11 1.02 -16.46
CA GLY A 343 -4.93 1.07 -15.62
C GLY A 343 -4.35 2.44 -15.39
N ALA A 344 -5.09 3.51 -15.74
CA ALA A 344 -4.53 4.86 -15.70
C ALA A 344 -3.91 5.23 -14.36
N HIS A 345 -4.63 5.04 -13.26
CA HIS A 345 -4.05 5.41 -11.98
C HIS A 345 -2.84 4.52 -11.64
N LEU A 346 -2.93 3.23 -11.94
CA LEU A 346 -1.85 2.31 -11.62
C LEU A 346 -0.54 2.70 -12.32
N ILE A 347 -0.62 3.05 -13.60
CA ILE A 347 0.64 3.36 -14.29
C ILE A 347 1.20 4.70 -13.79
N ARG A 348 0.33 5.61 -13.32
CA ARG A 348 0.84 6.86 -12.75
C ARG A 348 1.61 6.60 -11.45
N VAL A 349 1.10 5.69 -10.61
CA VAL A 349 1.81 5.37 -9.38
C VAL A 349 3.14 4.70 -9.71
N GLU A 350 3.06 3.71 -10.60
CA GLU A 350 4.24 2.98 -11.00
C GLU A 350 5.34 3.88 -11.59
N ALA A 351 4.97 4.78 -12.49
CA ALA A 351 5.95 5.69 -13.09
C ALA A 351 6.52 6.67 -12.05
N ARG A 352 5.67 7.19 -11.19
CA ARG A 352 6.17 8.13 -10.18
C ARG A 352 7.20 7.46 -9.28
N VAL A 353 6.88 6.26 -8.81
CA VAL A 353 7.78 5.56 -7.90
C VAL A 353 9.07 5.17 -8.63
N ALA A 354 8.95 4.65 -9.86
CA ALA A 354 10.13 4.22 -10.60
C ALA A 354 11.09 5.38 -10.83
N ILE A 355 10.56 6.50 -11.32
CA ILE A 355 11.39 7.68 -11.55
C ILE A 355 11.98 8.20 -10.25
N THR A 356 11.15 8.30 -9.22
CA THR A 356 11.59 8.84 -7.92
C THR A 356 12.75 8.03 -7.35
N GLU A 357 12.58 6.72 -7.32
CA GLU A 357 13.60 5.88 -6.70
C GLU A 357 14.84 5.80 -7.57
N PHE A 358 14.66 5.75 -8.89
CA PHE A 358 15.84 5.67 -9.74
C PHE A 358 16.70 6.91 -9.63
N LEU A 359 16.08 8.09 -9.65
CA LEU A 359 16.84 9.33 -9.56
C LEU A 359 17.44 9.54 -8.16
N LYS A 360 16.85 8.91 -7.16
CA LYS A 360 17.39 8.93 -5.80
C LYS A 360 18.69 8.10 -5.70
N ARG A 361 18.69 6.93 -6.35
CA ARG A 361 19.81 5.99 -6.29
C ARG A 361 20.92 6.33 -7.27
N ILE A 362 20.52 6.79 -8.45
CA ILE A 362 21.43 7.02 -9.57
C ILE A 362 21.10 8.38 -10.21
N PRO A 363 21.52 9.48 -9.55
CA PRO A 363 21.20 10.81 -10.07
C PRO A 363 22.06 11.18 -11.27
N GLU A 364 23.21 10.52 -11.38
CA GLU A 364 24.18 10.74 -12.43
C GLU A 364 24.29 9.51 -13.33
N PHE A 365 23.88 9.63 -14.58
CA PHE A 365 24.04 8.55 -15.54
C PHE A 365 23.96 9.09 -16.97
N SER A 366 24.28 8.27 -17.95
CA SER A 366 24.23 8.67 -19.35
C SER A 366 24.06 7.45 -20.25
N LEU A 367 23.71 7.68 -21.51
CA LEU A 367 23.65 6.57 -22.45
C LEU A 367 25.05 6.02 -22.69
N ASP A 368 25.14 4.71 -22.81
CA ASP A 368 26.41 4.04 -23.05
C ASP A 368 26.88 4.35 -24.47
N PRO A 369 28.08 4.92 -24.61
CA PRO A 369 28.56 5.30 -25.95
C PRO A 369 28.99 4.09 -26.78
N ASN A 370 29.15 2.94 -26.14
CA ASN A 370 29.65 1.74 -26.81
C ASN A 370 28.59 0.68 -27.09
N LYS A 371 27.34 0.99 -26.79
CA LYS A 371 26.23 0.10 -27.05
C LYS A 371 25.06 0.86 -27.67
N GLU A 372 24.26 0.16 -28.45
CA GLU A 372 23.15 0.82 -29.15
C GLU A 372 21.84 0.80 -28.39
N CYS A 373 21.11 1.91 -28.48
CA CYS A 373 19.72 1.94 -28.08
C CYS A 373 18.89 1.37 -29.22
N GLU A 374 17.68 0.93 -28.93
CA GLU A 374 16.80 0.41 -29.97
C GLU A 374 15.35 0.73 -29.67
N TRP A 375 14.68 1.33 -30.65
CA TRP A 375 13.27 1.65 -30.55
C TRP A 375 12.45 0.52 -31.15
N LEU A 376 11.45 0.06 -30.41
CA LEU A 376 10.52 -0.95 -30.92
C LEU A 376 9.32 -0.27 -31.53
N MET A 377 9.06 -0.54 -32.80
CA MET A 377 7.91 0.04 -33.51
C MET A 377 6.71 -0.90 -33.39
N GLY A 378 5.50 -0.35 -33.52
CA GLY A 378 4.29 -1.17 -33.50
C GLY A 378 3.11 -0.40 -32.95
N GLN A 379 2.05 -1.11 -32.64
CA GLN A 379 0.89 -0.50 -32.02
C GLN A 379 1.20 -0.05 -30.58
N VAL A 380 2.20 -0.67 -29.98
CA VAL A 380 2.75 -0.24 -28.71
C VAL A 380 4.23 -0.04 -28.96
N ALA A 381 4.67 1.20 -28.94
CA ALA A 381 6.01 1.57 -29.41
C ALA A 381 6.80 2.34 -28.37
N GLY A 382 8.08 2.02 -28.23
CA GLY A 382 8.94 2.75 -27.30
C GLY A 382 10.30 2.07 -27.26
N MET A 383 11.20 2.59 -26.46
CA MET A 383 12.53 2.01 -26.41
C MET A 383 12.51 0.57 -25.92
N LEU A 384 13.31 -0.27 -26.56
CA LEU A 384 13.44 -1.69 -26.21
C LEU A 384 14.76 -1.97 -25.52
N HIS A 385 15.78 -1.19 -25.85
CA HIS A 385 17.11 -1.31 -25.26
C HIS A 385 17.63 0.08 -24.98
N VAL A 386 18.00 0.29 -23.72
CA VAL A 386 18.52 1.57 -23.27
C VAL A 386 19.76 1.33 -22.41
N PRO A 387 20.90 1.03 -23.07
CA PRO A 387 22.15 0.83 -22.34
C PRO A 387 22.61 2.14 -21.70
N ILE A 388 22.81 2.11 -20.38
CA ILE A 388 23.33 3.27 -19.66
C ILE A 388 24.58 2.93 -18.86
N ILE A 389 25.32 3.98 -18.52
CA ILE A 389 26.49 3.87 -17.65
C ILE A 389 26.33 4.89 -16.52
N PHE A 390 26.97 4.62 -15.39
CA PHE A 390 26.84 5.47 -14.20
C PHE A 390 27.98 5.14 -13.25
N PRO A 391 28.33 6.07 -12.34
CA PRO A 391 29.37 5.71 -11.36
C PRO A 391 28.92 4.53 -10.52
N LYS A 392 29.83 3.61 -10.21
CA LYS A 392 29.44 2.45 -9.42
C LYS A 392 28.98 2.92 -8.04
N GLY A 393 27.92 2.28 -7.53
CA GLY A 393 27.35 2.66 -6.25
C GLY A 393 27.12 1.51 -5.30
N LYS A 394 26.30 1.76 -4.27
CA LYS A 394 26.07 0.80 -3.19
C LYS A 394 24.68 0.20 -3.21
N ARG A 395 24.58 -1.06 -2.80
CA ARG A 395 23.31 -1.72 -2.60
C ARG A 395 22.67 -1.23 -1.31
N LEU A 396 21.35 -1.19 -1.27
CA LEU A 396 20.65 -0.91 -0.01
C LEU A 396 20.58 -2.18 0.83
N SER A 397 20.64 -3.33 0.16
CA SER A 397 20.52 -4.63 0.82
C SER A 397 21.68 -5.56 0.47
N GLU A 398 22.41 -6.00 1.49
CA GLU A 398 23.47 -7.01 1.33
C GLU A 398 24.66 -6.47 0.51
N THR B 2 -14.49 -7.47 52.26
CA THR B 2 -13.22 -7.34 51.57
C THR B 2 -13.46 -6.79 50.17
N SER B 3 -12.54 -5.96 49.70
CA SER B 3 -12.70 -5.34 48.39
C SER B 3 -11.48 -5.54 47.54
N LEU B 4 -11.69 -5.90 46.28
CA LEU B 4 -10.59 -6.07 45.37
C LEU B 4 -9.97 -4.74 44.94
N PHE B 5 -10.70 -3.64 45.17
CA PHE B 5 -10.16 -2.33 44.80
C PHE B 5 -8.98 -1.92 45.69
N THR B 6 -9.02 -2.32 46.95
CA THR B 6 -8.11 -1.78 47.97
C THR B 6 -6.64 -2.06 47.65
N THR B 7 -6.37 -3.16 46.96
CA THR B 7 -5.01 -3.49 46.56
C THR B 7 -4.83 -3.60 45.04
N ALA B 8 -5.75 -3.02 44.28
CA ALA B 8 -5.68 -3.06 42.82
C ALA B 8 -4.43 -2.34 42.34
N ASP B 9 -3.71 -2.97 41.43
CA ASP B 9 -2.43 -2.45 40.98
C ASP B 9 -2.18 -3.02 39.59
N HIS B 10 -2.23 -2.18 38.57
CA HIS B 10 -2.13 -2.64 37.20
C HIS B 10 -0.77 -3.26 36.86
N TYR B 11 0.26 -3.03 37.68
CA TYR B 11 1.55 -3.71 37.51
C TYR B 11 1.66 -5.01 38.32
N HIS B 12 0.65 -5.32 39.14
CA HIS B 12 0.65 -6.51 39.99
C HIS B 12 -0.76 -7.09 40.09
N THR B 13 -1.22 -7.62 38.96
CA THR B 13 -2.52 -8.24 38.81
C THR B 13 -2.42 -9.74 39.06
N PRO B 14 -3.20 -10.28 40.01
CA PRO B 14 -3.18 -11.74 40.18
C PRO B 14 -3.43 -12.51 38.88
N LEU B 15 -2.61 -13.53 38.61
CA LEU B 15 -2.80 -14.33 37.40
C LEU B 15 -3.48 -15.66 37.71
N GLY B 16 -4.30 -16.13 36.78
CA GLY B 16 -5.03 -17.37 36.94
C GLY B 16 -4.25 -18.54 36.39
N PRO B 17 -4.84 -19.74 36.39
CA PRO B 17 -4.11 -20.94 35.98
C PRO B 17 -3.82 -20.97 34.48
N ASP B 18 -4.54 -20.13 33.74
CA ASP B 18 -4.32 -19.97 32.31
C ASP B 18 -3.15 -19.01 32.03
N GLY B 19 -2.69 -18.27 33.03
CA GLY B 19 -1.58 -17.35 32.85
C GLY B 19 -1.92 -15.90 32.59
N THR B 20 -3.20 -15.56 32.56
CA THR B 20 -3.66 -14.20 32.31
C THR B 20 -4.28 -13.62 33.58
N PRO B 21 -4.48 -12.31 33.61
CA PRO B 21 -5.18 -11.68 34.73
C PRO B 21 -6.69 -11.73 34.58
N HIS B 22 -7.22 -12.52 33.65
CA HIS B 22 -8.63 -12.37 33.32
C HIS B 22 -9.59 -12.91 34.38
N ALA B 23 -9.20 -13.94 35.14
CA ALA B 23 -10.03 -14.35 36.27
C ALA B 23 -10.18 -13.19 37.27
N PHE B 24 -9.07 -12.49 37.55
CA PHE B 24 -9.09 -11.33 38.42
C PHE B 24 -9.94 -10.20 37.83
N PHE B 25 -9.80 -9.97 36.52
CA PHE B 25 -10.58 -8.93 35.86
C PHE B 25 -12.08 -9.21 35.95
N GLU B 26 -12.44 -10.49 35.81
CA GLU B 26 -13.83 -10.93 35.92
C GLU B 26 -14.37 -10.71 37.34
N ALA B 27 -13.54 -11.03 38.34
CA ALA B 27 -13.93 -10.80 39.73
C ALA B 27 -14.08 -9.31 40.04
N LEU B 28 -13.16 -8.49 39.56
CA LEU B 28 -13.26 -7.05 39.77
C LEU B 28 -14.48 -6.46 39.04
N ARG B 29 -14.74 -6.97 37.84
CA ARG B 29 -15.95 -6.59 37.09
C ARG B 29 -17.21 -6.90 37.93
N ASP B 30 -17.24 -8.07 38.55
CA ASP B 30 -18.40 -8.44 39.37
C ASP B 30 -18.57 -7.45 40.51
N GLU B 31 -17.47 -7.12 41.18
CA GLU B 31 -17.57 -6.19 42.31
C GLU B 31 -17.95 -4.78 41.85
N ALA B 32 -17.49 -4.39 40.67
CA ALA B 32 -17.77 -3.07 40.13
C ALA B 32 -19.26 -2.84 39.87
N GLU B 33 -20.05 -3.91 39.82
CA GLU B 33 -21.50 -3.76 39.70
C GLU B 33 -22.10 -3.11 40.94
N THR B 34 -21.44 -3.29 42.08
CA THR B 34 -21.88 -2.67 43.33
C THR B 34 -21.11 -1.37 43.56
N THR B 35 -19.82 -1.40 43.24
CA THR B 35 -18.89 -0.31 43.54
C THR B 35 -18.06 -0.02 42.29
N PRO B 36 -18.53 0.90 41.41
CA PRO B 36 -17.82 1.03 40.13
C PRO B 36 -16.53 1.84 40.20
N ILE B 37 -16.33 2.58 41.29
CA ILE B 37 -15.10 3.33 41.53
C ILE B 37 -14.65 3.03 42.94
N GLY B 38 -13.40 2.62 43.13
CA GLY B 38 -12.89 2.30 44.45
C GLY B 38 -11.52 2.88 44.70
N TRP B 39 -11.15 3.01 45.97
CA TRP B 39 -9.82 3.51 46.33
C TRP B 39 -8.84 2.35 46.42
N SER B 40 -7.72 2.48 45.73
CA SER B 40 -6.61 1.56 45.90
C SER B 40 -5.52 2.20 46.75
N GLU B 41 -4.94 1.40 47.64
CA GLU B 41 -3.81 1.84 48.45
C GLU B 41 -2.47 1.83 47.71
N ALA B 42 -2.44 1.29 46.49
CA ALA B 42 -1.19 1.24 45.73
C ALA B 42 -0.77 2.64 45.29
N TYR B 43 0.54 2.82 45.08
CA TYR B 43 1.12 4.07 44.57
C TYR B 43 0.77 5.26 45.44
N GLY B 44 0.62 5.02 46.74
CA GLY B 44 0.31 6.09 47.69
C GLY B 44 -1.15 6.44 47.82
N GLY B 45 -1.99 5.74 47.07
CA GLY B 45 -3.42 5.98 47.10
C GLY B 45 -3.91 6.61 45.81
N HIS B 46 -4.91 6.00 45.17
CA HIS B 46 -5.47 6.53 43.93
C HIS B 46 -6.82 5.87 43.64
N TRP B 47 -7.58 6.48 42.74
CA TRP B 47 -8.89 5.94 42.37
C TRP B 47 -8.76 4.96 41.21
N VAL B 48 -9.48 3.85 41.34
CA VAL B 48 -9.63 2.88 40.26
C VAL B 48 -11.04 2.95 39.71
N VAL B 49 -11.14 3.31 38.42
CA VAL B 49 -12.44 3.50 37.76
C VAL B 49 -12.69 2.28 36.86
N ALA B 50 -13.71 1.50 37.22
CA ALA B 50 -13.88 0.19 36.61
C ALA B 50 -15.22 0.01 35.87
N GLY B 51 -16.23 0.78 36.24
CA GLY B 51 -17.51 0.69 35.54
C GLY B 51 -17.44 1.41 34.19
N TYR B 52 -18.16 0.89 33.19
CA TYR B 52 -18.15 1.48 31.84
C TYR B 52 -18.68 2.92 31.85
N LYS B 53 -19.84 3.14 32.45
CA LYS B 53 -20.43 4.47 32.37
C LYS B 53 -19.57 5.46 33.18
N GLU B 54 -18.90 4.98 34.22
CA GLU B 54 -18.04 5.85 35.00
C GLU B 54 -16.77 6.24 34.23
N ILE B 55 -16.16 5.30 33.51
CA ILE B 55 -15.00 5.65 32.68
C ILE B 55 -15.44 6.65 31.62
N GLN B 56 -16.61 6.42 31.01
CA GLN B 56 -17.14 7.34 30.02
C GLN B 56 -17.26 8.75 30.60
N ALA B 57 -17.83 8.85 31.80
CA ALA B 57 -18.00 10.16 32.45
C ALA B 57 -16.67 10.85 32.71
N VAL B 58 -15.67 10.08 33.14
CA VAL B 58 -14.37 10.66 33.44
C VAL B 58 -13.67 11.11 32.15
N ILE B 59 -13.67 10.23 31.14
CA ILE B 59 -12.89 10.48 29.95
C ILE B 59 -13.50 11.65 29.15
N GLN B 60 -14.80 11.91 29.29
CA GLN B 60 -15.44 13.04 28.64
C GLN B 60 -15.22 14.37 29.38
N ASN B 61 -14.95 14.29 30.67
CA ASN B 61 -14.79 15.49 31.50
C ASN B 61 -13.33 15.93 31.53
N THR B 62 -12.90 16.55 30.45
CA THR B 62 -11.51 17.02 30.36
C THR B 62 -11.28 18.26 31.23
N LYS B 63 -12.35 18.90 31.66
CA LYS B 63 -12.20 20.03 32.57
C LYS B 63 -11.60 19.60 33.92
N ALA B 64 -12.12 18.52 34.49
CA ALA B 64 -11.68 18.05 35.80
C ALA B 64 -10.60 16.97 35.75
N PHE B 65 -10.45 16.33 34.59
CA PHE B 65 -9.59 15.15 34.47
C PHE B 65 -8.58 15.34 33.34
N SER B 66 -7.34 15.66 33.71
CA SER B 66 -6.28 16.09 32.80
C SER B 66 -5.40 14.95 32.32
N ASN B 67 -4.96 15.03 31.06
CA ASN B 67 -4.02 14.04 30.54
C ASN B 67 -2.57 14.26 31.00
N LYS B 68 -2.33 15.25 31.85
CA LYS B 68 -1.02 15.31 32.48
C LYS B 68 -0.77 14.03 33.29
N GLY B 69 -1.83 13.35 33.71
CA GLY B 69 -1.69 12.10 34.43
C GLY B 69 -1.83 10.83 33.58
N VAL B 70 -1.61 10.94 32.27
CA VAL B 70 -1.90 9.81 31.38
C VAL B 70 -1.14 8.54 31.76
N THR B 71 0.12 8.67 32.19
CA THR B 71 0.81 7.51 32.74
C THR B 71 1.04 7.68 34.25
N PHE B 72 0.71 6.62 34.98
CA PHE B 72 0.74 6.59 36.44
C PHE B 72 1.04 5.17 36.85
N PRO B 73 2.17 4.92 37.51
CA PRO B 73 3.30 5.83 37.76
C PRO B 73 3.85 6.35 36.42
N ARG B 74 4.39 7.55 36.42
CA ARG B 74 4.83 8.20 35.20
C ARG B 74 5.87 7.35 34.44
N PHE B 75 5.69 7.21 33.13
CA PHE B 75 6.69 6.57 32.27
C PHE B 75 8.00 7.34 32.38
N GLU B 76 9.14 6.64 32.25
CA GLU B 76 10.44 7.30 32.30
C GLU B 76 10.76 7.92 30.95
N THR B 77 10.48 9.22 30.82
CA THR B 77 10.83 9.94 29.59
C THR B 77 11.64 11.19 29.94
N GLY B 78 12.43 11.10 31.00
CA GLY B 78 13.28 12.22 31.38
C GLY B 78 12.48 13.49 31.61
N GLU B 79 12.98 14.61 31.10
CA GLU B 79 12.28 15.89 31.22
C GLU B 79 11.27 16.11 30.10
N PHE B 80 11.08 15.12 29.25
CA PHE B 80 10.20 15.26 28.10
C PHE B 80 8.79 14.79 28.42
N GLU B 81 7.82 15.28 27.65
CA GLU B 81 6.46 14.83 27.82
C GLU B 81 6.03 14.03 26.63
N LEU B 82 5.04 13.17 26.83
CA LEU B 82 4.44 12.46 25.72
C LEU B 82 3.62 13.43 24.88
N MET B 83 3.99 13.62 23.60
CA MET B 83 3.24 14.56 22.77
C MET B 83 1.89 13.98 22.53
N MET B 84 0.93 14.89 22.55
CA MET B 84 -0.50 14.63 22.41
C MET B 84 -1.06 13.96 23.64
N ALA B 85 -0.59 12.75 23.95
CA ALA B 85 -1.18 11.97 25.04
C ALA B 85 -1.05 12.65 26.39
N GLY B 86 -0.02 13.46 26.57
CA GLY B 86 0.23 14.09 27.87
C GLY B 86 -0.22 15.52 27.98
N GLN B 87 -1.00 15.99 27.01
CA GLN B 87 -1.43 17.38 26.96
C GLN B 87 -2.93 17.51 26.92
N ASP B 88 -3.44 18.66 27.36
CA ASP B 88 -4.85 19.00 27.24
C ASP B 88 -5.03 20.00 26.12
N ASP B 89 -6.25 20.14 25.61
CA ASP B 89 -6.55 21.22 24.67
C ASP B 89 -6.47 22.56 25.41
N PRO B 90 -6.18 23.66 24.70
CA PRO B 90 -6.03 23.76 23.24
C PRO B 90 -4.68 23.30 22.69
N VAL B 91 -3.68 23.10 23.54
CA VAL B 91 -2.34 22.72 23.10
C VAL B 91 -2.34 21.36 22.38
N HIS B 92 -3.00 20.38 22.98
CA HIS B 92 -3.11 19.02 22.42
C HIS B 92 -3.55 19.02 20.96
N LYS B 93 -4.60 19.79 20.68
CA LYS B 93 -5.21 19.79 19.36
C LYS B 93 -4.23 20.29 18.29
N LYS B 94 -3.41 21.28 18.61
CA LYS B 94 -2.48 21.83 17.65
CA LYS B 94 -2.48 21.82 17.64
C LYS B 94 -1.38 20.83 17.28
N TYR B 95 -0.95 20.03 18.25
CA TYR B 95 0.05 19.01 17.96
C TYR B 95 -0.53 17.84 17.17
N ARG B 96 -1.72 17.37 17.56
CA ARG B 96 -2.33 16.25 16.85
C ARG B 96 -2.61 16.62 15.39
N GLN B 97 -2.98 17.87 15.13
CA GLN B 97 -3.26 18.33 13.77
C GLN B 97 -2.08 18.07 12.84
N LEU B 98 -0.87 18.11 13.38
CA LEU B 98 0.33 17.94 12.55
C LEU B 98 0.47 16.53 11.97
N VAL B 99 -0.11 15.54 12.65
CA VAL B 99 0.07 14.16 12.23
C VAL B 99 -1.24 13.42 11.92
N ALA B 100 -2.35 14.14 11.88
CA ALA B 100 -3.65 13.52 11.59
C ALA B 100 -3.66 12.84 10.23
N LYS B 101 -3.15 13.55 9.22
CA LYS B 101 -3.21 13.04 7.85
C LYS B 101 -2.49 11.71 7.63
N PRO B 102 -1.23 11.57 8.10
CA PRO B 102 -0.60 10.27 7.84
C PRO B 102 -1.20 9.07 8.61
N PHE B 103 -2.04 9.33 9.61
CA PHE B 103 -2.69 8.25 10.35
C PHE B 103 -4.15 8.06 9.95
N SER B 104 -4.58 8.79 8.92
CA SER B 104 -5.95 8.68 8.40
C SER B 104 -6.16 7.27 7.82
N PRO B 105 -7.42 6.80 7.74
CA PRO B 105 -7.70 5.47 7.19
C PRO B 105 -7.11 5.27 5.80
N GLU B 106 -7.20 6.32 5.00
CA GLU B 106 -6.71 6.32 3.64
C GLU B 106 -5.21 6.10 3.61
N ALA B 107 -4.48 6.83 4.46
CA ALA B 107 -3.02 6.75 4.49
C ALA B 107 -2.53 5.43 5.07
N THR B 108 -3.21 4.96 6.10
CA THR B 108 -2.74 3.77 6.80
C THR B 108 -3.04 2.49 6.02
N ASP B 109 -4.02 2.54 5.12
CA ASP B 109 -4.29 1.43 4.22
C ASP B 109 -3.11 1.12 3.31
N LEU B 110 -2.31 2.13 3.04
CA LEU B 110 -1.14 2.01 2.17
C LEU B 110 -0.04 1.11 2.74
N PHE B 111 -0.15 0.72 4.02
CA PHE B 111 0.82 -0.15 4.67
C PHE B 111 0.46 -1.62 4.55
N THR B 112 -0.69 -1.88 3.95
CA THR B 112 -1.24 -3.22 3.89
C THR B 112 -0.31 -4.23 3.21
N GLU B 113 0.12 -3.95 1.99
CA GLU B 113 0.88 -4.97 1.25
C GLU B 113 2.29 -5.16 1.78
N GLN B 114 2.91 -4.11 2.30
CA GLN B 114 4.22 -4.26 2.95
C GLN B 114 4.15 -5.01 4.30
N LEU B 115 3.06 -4.81 5.05
CA LEU B 115 2.83 -5.56 6.29
C LEU B 115 2.65 -7.04 5.95
N ARG B 116 2.01 -7.28 4.82
CA ARG B 116 1.77 -8.65 4.43
C ARG B 116 3.07 -9.36 4.05
N GLN B 117 3.90 -8.67 3.27
CA GLN B 117 5.20 -9.22 2.91
C GLN B 117 6.07 -9.41 4.13
N SER B 118 6.06 -8.42 5.02
CA SER B 118 6.87 -8.46 6.24
C SER B 118 6.47 -9.65 7.12
N THR B 119 5.17 -9.85 7.30
CA THR B 119 4.67 -10.94 8.12
C THR B 119 5.12 -12.28 7.53
N ASN B 120 5.01 -12.42 6.21
CA ASN B 120 5.44 -13.64 5.56
C ASN B 120 6.97 -13.86 5.61
N ASP B 121 7.76 -12.78 5.51
CA ASP B 121 9.22 -12.90 5.63
C ASP B 121 9.62 -13.33 7.03
N LEU B 122 8.93 -12.79 8.03
CA LEU B 122 9.16 -13.18 9.42
C LEU B 122 8.77 -14.64 9.66
N ILE B 123 7.60 -15.04 9.14
CA ILE B 123 7.18 -16.42 9.26
C ILE B 123 8.19 -17.36 8.57
N ASP B 124 8.69 -16.95 7.41
CA ASP B 124 9.73 -17.71 6.70
C ASP B 124 10.94 -18.09 7.54
N ALA B 125 11.29 -17.22 8.48
CA ALA B 125 12.49 -17.43 9.29
C ALA B 125 12.41 -18.67 10.18
N ARG B 126 11.19 -19.14 10.46
CA ARG B 126 11.07 -20.25 11.40
C ARG B 126 10.10 -21.34 10.99
N ILE B 127 9.42 -21.18 9.86
CA ILE B 127 8.39 -22.14 9.49
C ILE B 127 8.96 -23.54 9.18
N GLU B 128 10.22 -23.62 8.75
CA GLU B 128 10.84 -24.92 8.49
C GLU B 128 11.27 -25.60 9.78
N LEU B 129 11.25 -24.83 10.87
CA LEU B 129 11.78 -25.30 12.15
C LEU B 129 10.76 -25.93 13.11
N GLY B 130 9.48 -25.60 12.96
CA GLY B 130 8.45 -26.22 13.75
C GLY B 130 8.29 -25.70 15.17
N GLU B 131 8.99 -24.63 15.52
CA GLU B 131 8.87 -24.04 16.85
C GLU B 131 9.31 -22.59 16.81
N GLY B 132 8.79 -21.79 17.74
CA GLY B 132 9.19 -20.41 17.83
C GLY B 132 8.37 -19.76 18.90
N ASP B 133 8.85 -18.63 19.40
CA ASP B 133 8.10 -17.83 20.36
C ASP B 133 7.32 -16.82 19.53
N ALA B 134 6.00 -16.99 19.44
CA ALA B 134 5.19 -16.12 18.59
C ALA B 134 5.31 -14.64 18.98
N ALA B 135 5.61 -14.36 20.25
CA ALA B 135 5.78 -12.97 20.68
C ALA B 135 7.08 -12.39 20.14
N THR B 136 8.20 -13.06 20.43
CA THR B 136 9.48 -12.47 20.08
C THR B 136 9.74 -12.54 18.57
N TRP B 137 9.24 -13.60 17.95
CA TRP B 137 9.46 -13.88 16.53
C TRP B 137 8.52 -13.07 15.61
N LEU B 138 7.26 -12.93 16.00
CA LEU B 138 6.25 -12.31 15.11
C LEU B 138 5.62 -11.04 15.70
N ALA B 139 5.00 -11.19 16.86
CA ALA B 139 4.21 -10.10 17.42
C ALA B 139 5.06 -8.88 17.73
N ASN B 140 6.30 -9.08 18.18
CA ASN B 140 7.19 -7.96 18.44
C ASN B 140 7.70 -7.34 17.16
N GLU B 141 7.92 -8.17 16.15
CA GLU B 141 8.67 -7.75 14.97
C GLU B 141 7.81 -7.06 13.92
N ILE B 142 6.56 -7.48 13.78
CA ILE B 142 5.69 -6.84 12.80
C ILE B 142 5.51 -5.32 13.10
N PRO B 143 5.09 -4.96 14.33
CA PRO B 143 5.02 -3.52 14.60
C PRO B 143 6.37 -2.81 14.70
N ALA B 144 7.41 -3.51 15.14
CA ALA B 144 8.69 -2.83 15.29
C ALA B 144 9.22 -2.40 13.93
N ARG B 145 8.99 -3.24 12.92
CA ARG B 145 9.46 -2.92 11.56
C ARG B 145 8.60 -1.84 10.94
N LEU B 146 7.30 -1.89 11.21
CA LEU B 146 6.36 -0.89 10.76
C LEU B 146 6.70 0.48 11.34
N THR B 147 6.94 0.49 12.65
CA THR B 147 7.28 1.72 13.36
C THR B 147 8.57 2.32 12.85
N ALA B 148 9.55 1.46 12.58
CA ALA B 148 10.81 1.94 12.06
C ALA B 148 10.54 2.67 10.74
N ILE B 149 9.63 2.14 9.94
CA ILE B 149 9.23 2.80 8.70
C ILE B 149 8.57 4.15 8.93
N LEU B 150 7.62 4.21 9.88
CA LEU B 150 6.94 5.45 10.23
C LEU B 150 7.93 6.54 10.64
N LEU B 151 8.98 6.11 11.33
CA LEU B 151 9.89 7.07 11.93
C LEU B 151 11.17 7.31 11.13
N GLY B 152 11.34 6.57 10.04
CA GLY B 152 12.53 6.72 9.23
C GLY B 152 13.76 6.15 9.91
N LEU B 153 13.58 5.04 10.63
CA LEU B 153 14.65 4.33 11.35
C LEU B 153 15.04 3.05 10.64
N PRO B 154 16.27 2.56 10.87
CA PRO B 154 16.60 1.23 10.32
C PRO B 154 15.76 0.10 10.96
N PRO B 155 15.08 -0.71 10.13
CA PRO B 155 14.17 -1.75 10.64
C PRO B 155 14.86 -2.94 11.29
N GLU B 156 16.16 -3.14 11.05
CA GLU B 156 16.82 -4.32 11.60
C GLU B 156 17.32 -4.08 13.02
N ASP B 157 17.09 -2.88 13.55
CA ASP B 157 17.55 -2.56 14.90
C ASP B 157 16.48 -2.64 15.98
N GLY B 158 15.57 -3.59 15.85
CA GLY B 158 14.47 -3.74 16.79
C GLY B 158 14.88 -3.96 18.23
N ASP B 159 15.98 -4.67 18.46
CA ASP B 159 16.38 -4.93 19.84
C ASP B 159 16.81 -3.64 20.53
N THR B 160 17.37 -2.70 19.78
CA THR B 160 17.73 -1.40 20.33
C THR B 160 16.46 -0.64 20.73
N TYR B 161 15.47 -0.63 19.85
CA TYR B 161 14.25 0.10 20.13
C TYR B 161 13.49 -0.54 21.29
N ARG B 162 13.49 -1.87 21.35
CA ARG B 162 12.86 -2.56 22.46
C ARG B 162 13.56 -2.28 23.79
N ARG B 163 14.88 -2.10 23.75
CA ARG B 163 15.61 -1.76 24.97
C ARG B 163 15.20 -0.37 25.48
N TRP B 164 15.06 0.60 24.57
CA TRP B 164 14.57 1.91 24.97
C TRP B 164 13.18 1.83 25.60
N VAL B 165 12.26 1.14 24.95
CA VAL B 165 10.89 1.05 25.43
C VAL B 165 10.82 0.33 26.79
N TRP B 166 11.65 -0.69 26.99
CA TRP B 166 11.71 -1.39 28.26
C TRP B 166 12.15 -0.44 29.39
N ALA B 167 13.09 0.45 29.09
CA ALA B 167 13.54 1.44 30.08
C ALA B 167 12.44 2.44 30.43
N ILE B 168 11.65 2.85 29.43
CA ILE B 168 10.56 3.79 29.63
C ILE B 168 9.46 3.20 30.52
N THR B 169 9.18 1.90 30.33
CA THR B 169 8.00 1.28 30.90
C THR B 169 8.21 0.29 32.06
N HIS B 170 9.38 -0.36 32.17
CA HIS B 170 9.53 -1.45 33.16
C HIS B 170 10.84 -1.57 33.95
N VAL B 171 11.90 -0.89 33.54
CA VAL B 171 13.17 -1.03 34.26
C VAL B 171 13.00 -0.46 35.67
N GLU B 172 13.35 -1.26 36.67
CA GLU B 172 13.07 -0.89 38.05
C GLU B 172 14.07 0.14 38.60
N ASN B 173 15.33 -0.01 38.23
CA ASN B 173 16.39 0.90 38.66
C ASN B 173 16.22 2.26 37.95
N PRO B 174 15.92 3.33 38.71
CA PRO B 174 15.58 4.59 38.06
C PRO B 174 16.78 5.20 37.34
N GLU B 175 17.99 4.98 37.86
CA GLU B 175 19.21 5.46 37.22
C GLU B 175 19.44 4.82 35.86
N GLU B 176 19.34 3.49 35.83
CA GLU B 176 19.47 2.73 34.60
C GLU B 176 18.39 3.13 33.61
N GLY B 177 17.15 3.23 34.07
CA GLY B 177 16.05 3.62 33.21
C GLY B 177 16.26 4.97 32.56
N ALA B 178 16.63 5.96 33.36
CA ALA B 178 16.82 7.31 32.85
C ALA B 178 17.98 7.38 31.88
N GLU B 179 19.03 6.61 32.15
CA GLU B 179 20.21 6.66 31.33
C GLU B 179 19.92 5.98 29.99
N ILE B 180 19.08 4.95 30.00
CA ILE B 180 18.74 4.30 28.73
C ILE B 180 17.78 5.16 27.93
N PHE B 181 16.84 5.84 28.59
CA PHE B 181 16.01 6.78 27.86
C PHE B 181 16.89 7.88 27.23
N ALA B 182 17.95 8.29 27.92
CA ALA B 182 18.86 9.28 27.34
C ALA B 182 19.53 8.78 26.06
N GLU B 183 19.71 7.46 25.92
CA GLU B 183 20.22 6.90 24.68
C GLU B 183 19.23 7.10 23.54
N LEU B 184 17.94 6.90 23.82
CA LEU B 184 16.91 7.21 22.83
C LEU B 184 17.02 8.66 22.39
N VAL B 185 17.16 9.56 23.36
CA VAL B 185 17.21 10.99 23.07
C VAL B 185 18.41 11.31 22.16
N ALA B 186 19.55 10.68 22.42
CA ALA B 186 20.75 10.89 21.61
C ALA B 186 20.52 10.43 20.17
N HIS B 187 19.90 9.27 20.01
CA HIS B 187 19.59 8.78 18.67
C HIS B 187 18.56 9.68 17.97
N ALA B 188 17.55 10.14 18.71
CA ALA B 188 16.53 11.01 18.14
C ALA B 188 17.14 12.34 17.65
N ARG B 189 18.05 12.91 18.43
CA ARG B 189 18.72 14.15 18.02
C ARG B 189 19.46 13.95 16.70
N THR B 190 20.17 12.83 16.58
CA THR B 190 20.91 12.54 15.35
C THR B 190 19.96 12.38 14.16
N LEU B 191 18.87 11.66 14.37
CA LEU B 191 17.85 11.47 13.32
C LEU B 191 17.27 12.82 12.89
N ILE B 192 16.89 13.63 13.87
CA ILE B 192 16.33 14.96 13.58
C ILE B 192 17.29 15.82 12.75
N ALA B 193 18.56 15.88 13.14
CA ALA B 193 19.54 16.67 12.38
C ALA B 193 19.67 16.20 10.93
N GLU B 194 19.67 14.88 10.72
CA GLU B 194 19.77 14.32 9.37
C GLU B 194 18.55 14.62 8.51
N ARG B 195 17.37 14.52 9.10
CA ARG B 195 16.15 14.77 8.35
C ARG B 195 15.99 16.23 8.01
N ARG B 196 16.64 17.09 8.80
CA ARG B 196 16.67 18.50 8.48
C ARG B 196 17.23 18.78 7.11
N THR B 197 18.28 18.05 6.77
CA THR B 197 19.02 18.24 5.54
C THR B 197 18.51 17.35 4.42
N ASN B 198 17.92 16.23 4.81
CA ASN B 198 17.48 15.18 3.90
C ASN B 198 16.08 14.67 4.28
N PRO B 199 15.05 15.53 4.17
CA PRO B 199 13.68 15.19 4.61
C PRO B 199 13.01 14.10 3.76
N GLY B 200 12.51 13.04 4.40
CA GLY B 200 11.81 11.98 3.70
C GLY B 200 10.29 12.03 3.76
N ASN B 201 9.65 10.89 3.44
CA ASN B 201 8.19 10.73 3.47
C ASN B 201 7.63 10.37 4.84
N ASP B 202 8.52 10.20 5.79
CA ASP B 202 8.15 9.64 7.07
C ASP B 202 7.53 10.70 7.96
N ILE B 203 7.07 10.28 9.13
CA ILE B 203 6.38 11.19 10.02
C ILE B 203 7.32 12.13 10.76
N MET B 204 8.53 11.68 11.09
CA MET B 204 9.46 12.60 11.74
C MET B 204 9.80 13.75 10.80
N SER B 205 10.12 13.43 9.55
CA SER B 205 10.36 14.46 8.55
C SER B 205 9.19 15.44 8.49
N ARG B 206 7.97 14.91 8.54
CA ARG B 206 6.78 15.76 8.52
C ARG B 206 6.72 16.75 9.69
N VAL B 207 6.92 16.28 10.92
CA VAL B 207 6.83 17.20 12.05
C VAL B 207 8.04 18.14 12.12
N ILE B 208 9.18 17.68 11.63
CA ILE B 208 10.37 18.52 11.60
C ILE B 208 10.16 19.71 10.67
N MET B 209 9.41 19.50 9.59
CA MET B 209 9.10 20.55 8.61
C MET B 209 7.83 21.35 8.95
N SER B 210 7.15 20.97 10.03
CA SER B 210 5.90 21.62 10.38
C SER B 210 6.11 22.93 11.13
N LYS B 211 5.03 23.71 11.22
CA LYS B 211 5.02 24.92 12.03
C LYS B 211 3.71 25.01 12.82
N ILE B 212 3.77 25.61 14.00
CA ILE B 212 2.56 25.99 14.73
C ILE B 212 2.67 27.49 15.03
N ASP B 213 1.65 28.26 14.62
CA ASP B 213 1.68 29.72 14.76
C ASP B 213 2.91 30.35 14.13
N GLY B 214 3.34 29.82 13.00
CA GLY B 214 4.47 30.42 12.32
C GLY B 214 5.85 30.00 12.79
N GLU B 215 5.96 29.23 13.87
CA GLU B 215 7.30 28.81 14.26
C GLU B 215 7.43 27.29 14.30
N SER B 216 8.62 26.84 13.95
CA SER B 216 8.94 25.42 13.94
C SER B 216 8.97 24.86 15.36
N LEU B 217 8.79 23.56 15.46
CA LEU B 217 8.76 22.88 16.74
C LEU B 217 10.14 22.83 17.38
N SER B 218 10.17 22.93 18.70
CA SER B 218 11.41 22.75 19.45
C SER B 218 11.92 21.31 19.31
N GLU B 219 13.21 21.11 19.52
CA GLU B 219 13.78 19.77 19.49
C GLU B 219 13.10 18.89 20.53
N ASP B 220 12.80 19.48 21.69
CA ASP B 220 12.12 18.77 22.75
C ASP B 220 10.72 18.26 22.31
N ASP B 221 9.99 19.07 21.55
CA ASP B 221 8.70 18.63 21.01
C ASP B 221 8.86 17.49 20.02
N LEU B 222 9.90 17.61 19.19
CA LEU B 222 10.17 16.55 18.21
C LEU B 222 10.52 15.22 18.87
N ILE B 223 11.28 15.28 19.96
CA ILE B 223 11.63 14.08 20.68
C ILE B 223 10.38 13.47 21.32
N GLY B 224 9.47 14.34 21.74
CA GLY B 224 8.17 13.89 22.22
C GLY B 224 7.35 13.12 21.19
N PHE B 225 7.33 13.60 19.94
CA PHE B 225 6.64 12.88 18.85
C PHE B 225 7.32 11.53 18.64
N PHE B 226 8.65 11.54 18.59
CA PHE B 226 9.42 10.33 18.36
C PHE B 226 9.08 9.26 19.41
N THR B 227 9.05 9.68 20.67
CA THR B 227 8.83 8.76 21.78
C THR B 227 7.45 8.14 21.80
N ILE B 228 6.39 8.94 21.61
CA ILE B 228 5.05 8.37 21.72
C ILE B 228 4.75 7.42 20.54
N LEU B 229 5.26 7.74 19.37
CA LEU B 229 5.00 6.86 18.23
C LEU B 229 5.79 5.55 18.40
N LEU B 230 6.97 5.62 19.00
CA LEU B 230 7.74 4.42 19.34
C LEU B 230 6.99 3.49 20.31
N LEU B 231 6.43 4.07 21.38
CA LEU B 231 5.67 3.29 22.35
C LEU B 231 4.44 2.60 21.76
N GLY B 232 3.69 3.31 20.92
CA GLY B 232 2.49 2.74 20.31
C GLY B 232 2.72 1.40 19.61
N GLY B 233 3.83 1.31 18.87
CA GLY B 233 4.14 0.08 18.15
C GLY B 233 4.80 -1.00 18.98
N ILE B 234 5.94 -0.65 19.53
CA ILE B 234 6.79 -1.58 20.26
C ILE B 234 6.23 -2.04 21.60
N ASP B 235 5.40 -1.23 22.23
CA ASP B 235 4.76 -1.68 23.47
C ASP B 235 3.33 -2.13 23.13
N ASN B 236 2.42 -1.19 22.87
CA ASN B 236 0.99 -1.51 22.77
C ASN B 236 0.67 -2.57 21.71
N THR B 237 1.13 -2.36 20.48
CA THR B 237 0.74 -3.27 19.42
C THR B 237 1.36 -4.68 19.62
N ALA B 238 2.61 -4.71 20.06
CA ALA B 238 3.32 -5.97 20.28
C ALA B 238 2.63 -6.79 21.37
N ARG B 239 2.23 -6.14 22.46
CA ARG B 239 1.58 -6.91 23.54
C ARG B 239 0.18 -7.39 23.10
N PHE B 240 -0.55 -6.56 22.35
CA PHE B 240 -1.85 -6.99 21.85
C PHE B 240 -1.71 -8.20 20.93
N LEU B 241 -0.83 -8.10 19.93
CA LEU B 241 -0.68 -9.21 19.00
C LEU B 241 -0.18 -10.48 19.70
N SER B 242 0.68 -10.32 20.70
CA SER B 242 1.17 -11.49 21.44
C SER B 242 0.01 -12.22 22.13
N SER B 243 -0.85 -11.46 22.82
CA SER B 243 -2.03 -12.07 23.45
C SER B 243 -2.93 -12.75 22.44
N VAL B 244 -3.11 -12.14 21.28
CA VAL B 244 -3.93 -12.73 20.24
C VAL B 244 -3.33 -14.04 19.73
N PHE B 245 -2.02 -14.08 19.52
CA PHE B 245 -1.40 -15.32 19.02
C PHE B 245 -1.52 -16.44 20.07
N TRP B 246 -1.39 -16.07 21.34
CA TRP B 246 -1.58 -17.00 22.44
C TRP B 246 -3.00 -17.58 22.41
N ARG B 247 -3.99 -16.70 22.27
CA ARG B 247 -5.38 -17.15 22.27
C ARG B 247 -5.63 -18.10 21.10
N LEU B 248 -5.10 -17.76 19.93
CA LEU B 248 -5.31 -18.60 18.75
C LEU B 248 -4.59 -19.94 18.84
N ALA B 249 -3.53 -20.00 19.65
CA ALA B 249 -2.75 -21.22 19.81
C ALA B 249 -3.55 -22.31 20.53
N TRP B 250 -4.37 -21.94 21.52
CA TRP B 250 -5.17 -22.94 22.24
C TRP B 250 -6.65 -22.96 21.89
N ASP B 251 -7.18 -21.83 21.44
CA ASP B 251 -8.63 -21.75 21.19
C ASP B 251 -8.91 -22.21 19.76
N ILE B 252 -9.00 -23.52 19.60
CA ILE B 252 -9.11 -24.12 18.28
C ILE B 252 -10.45 -23.81 17.62
N GLU B 253 -11.45 -23.49 18.44
CA GLU B 253 -12.76 -23.10 17.94
C GLU B 253 -12.75 -21.72 17.30
N LEU B 254 -12.18 -20.74 17.99
CA LEU B 254 -11.99 -19.42 17.42
C LEU B 254 -11.15 -19.51 16.13
N ARG B 255 -10.07 -20.28 16.20
CA ARG B 255 -9.16 -20.37 15.08
C ARG B 255 -9.83 -20.93 13.82
N ARG B 256 -10.58 -22.03 13.96
CA ARG B 256 -11.15 -22.62 12.74
C ARG B 256 -12.18 -21.68 12.13
N ARG B 257 -12.86 -20.89 12.96
CA ARG B 257 -13.85 -19.97 12.42
C ARG B 257 -13.23 -18.82 11.64
N LEU B 258 -12.08 -18.33 12.10
CA LEU B 258 -11.40 -17.25 11.39
C LEU B 258 -10.84 -17.73 10.05
N ILE B 259 -10.45 -19.00 10.00
CA ILE B 259 -9.99 -19.58 8.75
C ILE B 259 -11.16 -19.83 7.79
N ALA B 260 -12.30 -20.25 8.33
CA ALA B 260 -13.47 -20.53 7.51
C ALA B 260 -14.20 -19.28 7.04
N HIS B 261 -14.07 -18.20 7.81
CA HIS B 261 -14.79 -16.95 7.53
C HIS B 261 -13.85 -15.77 7.60
N PRO B 262 -12.94 -15.66 6.61
CA PRO B 262 -11.98 -14.55 6.65
C PRO B 262 -12.67 -13.20 6.56
N GLU B 263 -13.90 -13.16 6.04
CA GLU B 263 -14.64 -11.89 5.98
C GLU B 263 -15.01 -11.38 7.39
N LEU B 264 -14.94 -12.25 8.39
CA LEU B 264 -15.17 -11.84 9.78
C LEU B 264 -13.92 -11.38 10.53
N ILE B 265 -12.74 -11.46 9.91
CA ILE B 265 -11.52 -11.10 10.64
C ILE B 265 -11.54 -9.63 11.10
N PRO B 266 -11.99 -8.67 10.27
CA PRO B 266 -11.99 -7.29 10.82
C PRO B 266 -12.89 -7.15 12.07
N ASN B 267 -14.09 -7.71 12.02
CA ASN B 267 -14.94 -7.66 13.21
C ASN B 267 -14.32 -8.45 14.37
N ALA B 268 -13.66 -9.57 14.07
CA ALA B 268 -12.99 -10.33 15.12
C ALA B 268 -11.83 -9.56 15.75
N VAL B 269 -11.11 -8.76 14.96
CA VAL B 269 -10.03 -7.95 15.49
C VAL B 269 -10.57 -6.95 16.51
N ASP B 270 -11.72 -6.37 16.20
CA ASP B 270 -12.31 -5.42 17.14
C ASP B 270 -12.75 -6.14 18.42
N GLU B 271 -13.27 -7.36 18.28
CA GLU B 271 -13.68 -8.12 19.47
C GLU B 271 -12.46 -8.59 20.26
N LEU B 272 -11.36 -8.88 19.58
CA LEU B 272 -10.12 -9.19 20.29
C LEU B 272 -9.53 -7.95 20.99
N LEU B 273 -9.70 -6.77 20.38
CA LEU B 273 -9.31 -5.53 21.05
C LEU B 273 -10.13 -5.33 22.33
N ARG B 274 -11.42 -5.63 22.27
CA ARG B 274 -12.24 -5.52 23.48
C ARG B 274 -11.68 -6.45 24.57
N PHE B 275 -11.34 -7.68 24.17
CA PHE B 275 -11.02 -8.71 25.15
C PHE B 275 -9.59 -8.69 25.63
N TYR B 276 -8.65 -8.36 24.73
CA TYR B 276 -7.22 -8.39 25.04
C TYR B 276 -6.56 -7.02 24.94
N GLY B 277 -7.36 -5.96 24.85
CA GLY B 277 -6.80 -4.62 24.78
C GLY B 277 -5.80 -4.37 25.91
N PRO B 278 -4.56 -4.05 25.57
CA PRO B 278 -3.51 -4.03 26.59
C PRO B 278 -3.50 -2.80 27.50
N ALA B 279 -4.17 -1.73 27.11
CA ALA B 279 -3.95 -0.44 27.75
C ALA B 279 -4.90 -0.04 28.89
N MET B 280 -4.34 0.68 29.84
CA MET B 280 -5.09 1.50 30.78
C MET B 280 -4.49 2.88 30.67
N VAL B 281 -5.20 3.90 31.15
CA VAL B 281 -4.66 5.25 31.18
C VAL B 281 -5.06 5.93 32.48
N GLY B 282 -4.30 6.94 32.88
CA GLY B 282 -4.64 7.75 34.04
C GLY B 282 -5.14 9.14 33.69
N ARG B 283 -5.70 9.80 34.70
CA ARG B 283 -6.13 11.18 34.61
C ARG B 283 -5.76 11.85 35.92
N LEU B 284 -5.23 13.08 35.83
CA LEU B 284 -4.93 13.87 37.01
C LEU B 284 -6.15 14.74 37.32
N VAL B 285 -6.63 14.68 38.57
CA VAL B 285 -7.77 15.48 38.97
C VAL B 285 -7.34 16.94 39.14
N THR B 286 -8.02 17.88 38.47
CA THR B 286 -7.62 19.29 38.49
C THR B 286 -8.50 20.17 39.39
N GLN B 287 -9.65 19.67 39.80
CA GLN B 287 -10.60 20.39 40.63
C GLN B 287 -11.47 19.36 41.33
N GLU B 288 -12.03 19.71 42.49
CA GLU B 288 -12.91 18.81 43.17
C GLU B 288 -14.06 18.41 42.25
N VAL B 289 -14.36 17.11 42.20
CA VAL B 289 -15.31 16.60 41.22
C VAL B 289 -15.96 15.33 41.78
N THR B 290 -17.26 15.19 41.58
CA THR B 290 -17.97 14.01 42.05
C THR B 290 -18.44 13.17 40.88
N VAL B 291 -18.08 11.89 40.92
CA VAL B 291 -18.51 10.91 39.92
C VAL B 291 -19.19 9.79 40.66
N GLY B 292 -20.48 9.60 40.40
CA GLY B 292 -21.25 8.63 41.15
C GLY B 292 -21.22 8.96 42.64
N ASP B 293 -20.79 8.00 43.45
CA ASP B 293 -20.73 8.16 44.90
C ASP B 293 -19.45 8.82 45.38
N ILE B 294 -18.51 9.02 44.46
CA ILE B 294 -17.14 9.35 44.83
C ILE B 294 -16.78 10.80 44.54
N THR B 295 -16.25 11.49 45.56
CA THR B 295 -15.74 12.85 45.38
C THR B 295 -14.23 12.81 45.36
N MET B 296 -13.64 13.25 44.25
CA MET B 296 -12.19 13.24 44.06
C MET B 296 -11.64 14.64 44.26
N LYS B 297 -10.39 14.73 44.69
CA LYS B 297 -9.79 16.00 45.09
C LYS B 297 -8.62 16.37 44.19
N PRO B 298 -8.38 17.68 44.01
CA PRO B 298 -7.27 18.11 43.16
C PRO B 298 -5.95 17.44 43.54
N GLY B 299 -5.25 16.94 42.54
CA GLY B 299 -3.98 16.27 42.77
C GLY B 299 -4.05 14.75 42.86
N GLN B 300 -5.26 14.21 43.04
CA GLN B 300 -5.44 12.76 43.01
C GLN B 300 -5.39 12.28 41.57
N THR B 301 -5.20 10.98 41.41
CA THR B 301 -5.17 10.36 40.10
C THR B 301 -6.27 9.32 40.02
N ALA B 302 -6.93 9.29 38.87
CA ALA B 302 -7.90 8.24 38.57
C ALA B 302 -7.32 7.36 37.47
N MET B 303 -7.24 6.06 37.72
CA MET B 303 -6.82 5.10 36.70
C MET B 303 -8.05 4.51 36.01
N LEU B 304 -8.08 4.56 34.68
CA LEU B 304 -9.22 4.05 33.92
C LEU B 304 -8.91 2.63 33.51
N TRP B 305 -9.55 1.67 34.17
CA TRP B 305 -9.30 0.25 33.97
C TRP B 305 -10.17 -0.24 32.81
N PHE B 306 -9.77 0.15 31.59
CA PHE B 306 -10.50 -0.24 30.39
C PHE B 306 -10.84 -1.74 30.32
N PRO B 307 -9.92 -2.65 30.71
CA PRO B 307 -10.28 -4.08 30.60
C PRO B 307 -11.48 -4.48 31.45
N ILE B 308 -11.75 -3.76 32.53
CA ILE B 308 -12.89 -4.09 33.35
C ILE B 308 -14.17 -3.53 32.72
N ALA B 309 -14.10 -2.29 32.24
CA ALA B 309 -15.23 -1.68 31.55
C ALA B 309 -15.60 -2.45 30.30
N SER B 310 -14.60 -3.01 29.62
CA SER B 310 -14.88 -3.79 28.42
C SER B 310 -15.61 -5.10 28.73
N ARG B 311 -15.75 -5.43 30.01
CA ARG B 311 -16.45 -6.64 30.46
C ARG B 311 -17.74 -6.32 31.22
N ASP B 312 -18.16 -5.07 31.17
CA ASP B 312 -19.33 -4.59 31.92
C ASP B 312 -20.60 -5.16 31.31
N ARG B 313 -21.39 -5.87 32.12
CA ARG B 313 -22.60 -6.52 31.64
C ARG B 313 -23.69 -5.53 31.18
N SER B 314 -23.62 -4.29 31.66
CA SER B 314 -24.60 -3.30 31.22
C SER B 314 -24.22 -2.68 29.88
N ALA B 315 -22.99 -2.91 29.44
CA ALA B 315 -22.54 -2.37 28.15
C ALA B 315 -22.40 -3.43 27.06
N PHE B 316 -22.18 -4.67 27.46
CA PHE B 316 -21.99 -5.78 26.51
C PHE B 316 -22.78 -7.00 26.93
N ASP B 317 -23.48 -7.58 25.95
CA ASP B 317 -24.13 -8.86 26.14
C ASP B 317 -23.07 -9.95 26.16
N SER B 318 -23.15 -10.88 27.11
CA SER B 318 -22.19 -11.99 27.19
C SER B 318 -20.74 -11.49 27.11
N PRO B 319 -20.35 -10.62 28.05
CA PRO B 319 -19.05 -9.96 27.93
C PRO B 319 -17.85 -10.88 28.10
N ASP B 320 -18.04 -12.06 28.68
CA ASP B 320 -16.91 -12.93 28.95
C ASP B 320 -16.63 -13.87 27.78
N ASN B 321 -17.40 -13.72 26.71
CA ASN B 321 -17.24 -14.55 25.51
C ASN B 321 -16.71 -13.70 24.36
N ILE B 322 -15.85 -14.29 23.54
CA ILE B 322 -15.37 -13.63 22.34
C ILE B 322 -16.37 -13.94 21.23
N VAL B 323 -17.22 -12.96 20.96
CA VAL B 323 -18.30 -13.11 19.99
C VAL B 323 -17.85 -12.38 18.74
N ILE B 324 -17.35 -13.13 17.75
CA ILE B 324 -16.62 -12.48 16.66
C ILE B 324 -17.56 -11.68 15.76
N GLU B 325 -18.85 -11.97 15.81
CA GLU B 325 -19.84 -11.22 15.01
C GLU B 325 -20.45 -10.05 15.79
N ARG B 326 -19.92 -9.75 16.97
CA ARG B 326 -20.44 -8.67 17.80
C ARG B 326 -20.39 -7.33 17.03
N THR B 327 -21.53 -6.67 16.89
CA THR B 327 -21.56 -5.34 16.28
C THR B 327 -22.89 -4.68 16.59
N PRO B 328 -22.86 -3.45 17.11
CA PRO B 328 -21.69 -2.64 17.41
C PRO B 328 -20.87 -3.18 18.59
N ASN B 329 -19.69 -2.60 18.75
CA ASN B 329 -18.71 -3.02 19.75
C ASN B 329 -18.03 -1.79 20.26
N ARG B 330 -18.69 -1.12 21.18
CA ARG B 330 -18.19 0.17 21.66
C ARG B 330 -17.24 0.00 22.84
N HIS B 331 -16.20 -0.78 22.62
CA HIS B 331 -15.19 -0.98 23.64
C HIS B 331 -14.33 0.28 23.80
N LEU B 332 -13.62 0.36 24.93
CA LEU B 332 -12.80 1.50 25.25
C LEU B 332 -11.30 1.22 25.14
N SER B 333 -10.94 0.14 24.44
CA SER B 333 -9.54 -0.29 24.37
C SER B 333 -8.65 0.68 23.60
N LEU B 334 -9.25 1.50 22.74
CA LEU B 334 -8.50 2.52 22.02
C LEU B 334 -8.88 3.92 22.52
N GLY B 335 -9.44 4.01 23.72
CA GLY B 335 -9.88 5.28 24.25
C GLY B 335 -11.18 5.77 23.65
N HIS B 336 -11.42 7.06 23.80
CA HIS B 336 -12.65 7.67 23.36
C HIS B 336 -12.49 9.18 23.46
N GLY B 337 -13.04 9.92 22.49
CA GLY B 337 -13.02 11.36 22.63
C GLY B 337 -11.73 11.98 22.11
N ILE B 338 -11.29 13.06 22.74
CA ILE B 338 -10.26 13.84 22.06
C ILE B 338 -8.90 13.13 22.04
N HIS B 339 -8.65 12.19 22.96
CA HIS B 339 -7.38 11.45 22.94
C HIS B 339 -7.46 10.06 22.29
N ARG B 340 -8.56 9.77 21.60
CA ARG B 340 -8.76 8.44 21.01
C ARG B 340 -7.56 8.07 20.15
N CYS B 341 -7.11 6.82 20.29
CA CYS B 341 -5.86 6.35 19.68
C CYS B 341 -5.61 6.88 18.27
N LEU B 342 -4.48 7.57 18.11
CA LEU B 342 -4.03 8.08 16.82
C LEU B 342 -3.79 6.90 15.86
N GLY B 343 -3.35 5.78 16.40
CA GLY B 343 -3.00 4.63 15.60
C GLY B 343 -4.14 3.65 15.35
N ALA B 344 -5.39 4.03 15.64
CA ALA B 344 -6.50 3.09 15.62
C ALA B 344 -6.65 2.38 14.27
N HIS B 345 -6.68 3.13 13.18
CA HIS B 345 -6.87 2.46 11.90
C HIS B 345 -5.65 1.63 11.52
N LEU B 346 -4.47 2.15 11.82
CA LEU B 346 -3.24 1.42 11.50
C LEU B 346 -3.21 0.06 12.19
N ILE B 347 -3.53 0.02 13.46
CA ILE B 347 -3.40 -1.27 14.15
C ILE B 347 -4.50 -2.22 13.71
N ARG B 348 -5.64 -1.71 13.26
CA ARG B 348 -6.65 -2.62 12.73
C ARG B 348 -6.16 -3.30 11.45
N VAL B 349 -5.50 -2.54 10.58
CA VAL B 349 -4.94 -3.10 9.36
C VAL B 349 -3.85 -4.09 9.69
N GLU B 350 -2.94 -3.69 10.58
CA GLU B 350 -1.85 -4.56 11.00
C GLU B 350 -2.32 -5.87 11.61
N ALA B 351 -3.30 -5.79 12.51
CA ALA B 351 -3.83 -6.99 13.13
C ALA B 351 -4.54 -7.89 12.11
N ARG B 352 -5.32 -7.30 11.21
CA ARG B 352 -6.00 -8.12 10.19
C ARG B 352 -5.00 -8.88 9.35
N VAL B 353 -3.95 -8.18 8.89
CA VAL B 353 -2.96 -8.79 8.03
C VAL B 353 -2.17 -9.87 8.77
N ALA B 354 -1.77 -9.58 10.00
CA ALA B 354 -0.96 -10.51 10.79
C ALA B 354 -1.71 -11.82 11.03
N ILE B 355 -2.96 -11.70 11.44
CA ILE B 355 -3.80 -12.87 11.71
C ILE B 355 -4.04 -13.64 10.42
N THR B 356 -4.42 -12.91 9.37
CA THR B 356 -4.72 -13.52 8.06
C THR B 356 -3.54 -14.31 7.51
N GLU B 357 -2.37 -13.69 7.49
CA GLU B 357 -1.22 -14.35 6.89
C GLU B 357 -0.71 -15.47 7.78
N PHE B 358 -0.79 -15.26 9.09
CA PHE B 358 -0.32 -16.33 9.95
C PHE B 358 -1.16 -17.61 9.85
N LEU B 359 -2.48 -17.48 9.87
CA LEU B 359 -3.35 -18.64 9.83
C LEU B 359 -3.29 -19.30 8.46
N LYS B 360 -2.93 -18.51 7.45
CA LYS B 360 -2.75 -19.01 6.10
C LYS B 360 -1.51 -19.90 6.01
N ARG B 361 -0.44 -19.47 6.70
CA ARG B 361 0.84 -20.17 6.63
C ARG B 361 0.89 -21.34 7.61
N ILE B 362 0.29 -21.14 8.77
CA ILE B 362 0.38 -22.10 9.88
C ILE B 362 -1.01 -22.26 10.51
N PRO B 363 -1.88 -23.05 9.84
CA PRO B 363 -3.25 -23.24 10.32
C PRO B 363 -3.30 -24.17 11.53
N GLU B 364 -2.28 -25.00 11.67
CA GLU B 364 -2.15 -25.96 12.76
C GLU B 364 -0.99 -25.59 13.65
N PHE B 365 -1.27 -25.24 14.91
CA PHE B 365 -0.21 -24.98 15.90
C PHE B 365 -0.77 -25.09 17.30
N SER B 366 0.11 -25.09 18.30
CA SER B 366 -0.33 -25.18 19.68
C SER B 366 0.74 -24.60 20.60
N LEU B 367 0.38 -24.37 21.86
CA LEU B 367 1.37 -23.91 22.82
C LEU B 367 2.37 -25.03 23.11
N ASP B 368 3.64 -24.65 23.24
CA ASP B 368 4.72 -25.59 23.53
C ASP B 368 4.61 -26.12 24.96
N PRO B 369 4.46 -27.44 25.13
CA PRO B 369 4.29 -27.97 26.49
C PRO B 369 5.58 -27.94 27.31
N ASN B 370 6.71 -27.72 26.65
CA ASN B 370 8.01 -27.78 27.31
C ASN B 370 8.60 -26.41 27.58
N LYS B 371 7.83 -25.37 27.29
CA LYS B 371 8.26 -23.99 27.53
C LYS B 371 7.13 -23.18 28.14
N GLU B 372 7.50 -22.15 28.90
CA GLU B 372 6.52 -21.36 29.64
C GLU B 372 6.03 -20.15 28.87
N CYS B 373 4.73 -19.86 28.94
CA CYS B 373 4.21 -18.56 28.51
C CYS B 373 4.44 -17.58 29.64
N GLU B 374 4.46 -16.28 29.33
CA GLU B 374 4.62 -15.26 30.35
C GLU B 374 3.82 -14.05 29.98
N TRP B 375 3.00 -13.59 30.92
CA TRP B 375 2.20 -12.37 30.80
C TRP B 375 2.96 -11.22 31.41
N LEU B 376 3.08 -10.12 30.68
CA LEU B 376 3.66 -8.88 31.19
C LEU B 376 2.59 -7.95 31.74
N MET B 377 2.70 -7.59 33.02
CA MET B 377 1.75 -6.70 33.67
C MET B 377 2.22 -5.27 33.54
N GLY B 378 1.30 -4.32 33.61
CA GLY B 378 1.64 -2.92 33.58
C GLY B 378 0.51 -2.10 33.02
N GLN B 379 0.81 -0.85 32.70
CA GLN B 379 -0.18 0.01 32.08
C GLN B 379 -0.47 -0.46 30.66
N VAL B 380 0.48 -1.20 30.09
CA VAL B 380 0.28 -1.88 28.82
C VAL B 380 0.61 -3.33 29.10
N ALA B 381 -0.40 -4.19 29.07
CA ALA B 381 -0.28 -5.56 29.56
C ALA B 381 -0.67 -6.58 28.51
N GLY B 382 0.10 -7.66 28.42
CA GLY B 382 -0.22 -8.72 27.48
C GLY B 382 0.87 -9.76 27.50
N MET B 383 0.70 -10.80 26.70
CA MET B 383 1.70 -11.86 26.68
C MET B 383 3.05 -11.35 26.19
N LEU B 384 4.12 -11.79 26.86
CA LEU B 384 5.49 -11.41 26.54
C LEU B 384 6.22 -12.56 25.87
N HIS B 385 5.82 -13.79 26.22
CA HIS B 385 6.43 -14.99 25.66
C HIS B 385 5.33 -15.97 25.36
N VAL B 386 5.26 -16.40 24.10
CA VAL B 386 4.24 -17.34 23.65
C VAL B 386 4.90 -18.45 22.82
N PRO B 387 5.58 -19.40 23.51
CA PRO B 387 6.21 -20.51 22.77
C PRO B 387 5.20 -21.40 22.10
N ILE B 388 5.33 -21.58 20.79
CA ILE B 388 4.44 -22.49 20.08
C ILE B 388 5.19 -23.55 19.29
N ILE B 389 4.46 -24.61 18.94
CA ILE B 389 5.00 -25.66 18.08
C ILE B 389 4.04 -25.88 16.94
N PHE B 390 4.53 -26.38 15.82
CA PHE B 390 3.70 -26.56 14.65
C PHE B 390 4.39 -27.52 13.70
N PRO B 391 3.62 -28.18 12.82
CA PRO B 391 4.31 -29.01 11.83
C PRO B 391 5.19 -28.14 10.93
N LYS B 392 6.36 -28.65 10.56
CA LYS B 392 7.27 -27.88 9.73
C LYS B 392 6.63 -27.64 8.37
N GLY B 393 6.82 -26.43 7.87
CA GLY B 393 6.23 -26.06 6.60
C GLY B 393 7.32 -25.49 5.71
N LYS B 394 6.91 -24.82 4.64
CA LYS B 394 7.86 -24.30 3.67
C LYS B 394 7.95 -22.78 3.64
N ARG B 395 9.15 -22.29 3.34
CA ARG B 395 9.36 -20.87 3.12
C ARG B 395 8.76 -20.47 1.80
N LEU B 396 8.25 -19.24 1.72
CA LEU B 396 7.82 -18.71 0.43
C LEU B 396 9.08 -18.23 -0.30
N SER B 397 10.11 -17.88 0.47
CA SER B 397 11.37 -17.38 -0.09
C SER B 397 12.60 -18.14 0.45
N GLU B 398 13.36 -18.72 -0.48
CA GLU B 398 14.64 -19.43 -0.29
C GLU B 398 14.54 -20.72 0.54
CHA HEM C . -7.39 0.70 -22.48
CHB HEM C . -3.02 2.75 -23.12
CHC HEM C . -1.28 0.40 -19.21
CHD HEM C . -5.45 -2.06 -18.90
C1A HEM C . -6.37 1.49 -22.95
C2A HEM C . -6.47 2.39 -24.08
C3A HEM C . -5.26 2.94 -24.25
C4A HEM C . -4.35 2.40 -23.25
CMA HEM C . -4.85 3.96 -25.33
CAA HEM C . -7.77 2.68 -24.88
CBA HEM C . -8.15 1.55 -25.81
CGA HEM C . -9.12 1.96 -26.89
O1A HEM C . -9.55 3.15 -26.99
O2A HEM C . -9.50 1.06 -27.67
C1B HEM C . -2.20 2.33 -22.09
C2B HEM C . -0.86 2.82 -21.83
C3B HEM C . -0.38 2.17 -20.77
C4B HEM C . -1.39 1.23 -20.32
CMB HEM C . -0.18 3.90 -22.70
CAB HEM C . 0.98 2.30 -20.03
CBB HEM C . 1.78 3.35 -20.14
C1C HEM C . -2.26 -0.47 -18.78
C2C HEM C . -2.16 -1.38 -17.65
C3C HEM C . -3.32 -2.05 -17.57
C4C HEM C . -4.18 -1.60 -18.66
CMC HEM C . -0.91 -1.46 -16.75
CAC HEM C . -3.77 -3.14 -16.58
CBC HEM C . -2.93 -3.87 -15.83
C1D HEM C . -6.32 -1.59 -19.87
C2D HEM C . -7.61 -2.16 -20.15
C3D HEM C . -8.23 -1.33 -21.26
C4D HEM C . -7.24 -0.31 -21.54
CMD HEM C . -8.24 -3.38 -19.49
CAD HEM C . -9.60 -1.53 -21.92
CBD HEM C . -10.61 -0.72 -21.10
CGD HEM C . -11.97 -0.73 -21.77
O1D HEM C . -12.93 -0.21 -21.17
O2D HEM C . -12.04 -1.23 -22.91
NA HEM C . -5.08 1.52 -22.45
NB HEM C . -2.50 1.33 -21.16
NC HEM C . -3.52 -0.62 -19.36
ND HEM C . -6.12 -0.49 -20.72
FE HEM C . -4.40 0.63 -20.75
C1 CNL D . -4.09 -2.85 -24.48
C2 CNL D . -5.35 -2.07 -24.30
C3 CNL D . -5.93 -1.65 -25.60
C4 CNL D . -5.07 -2.01 -26.76
C5 CNL D . -4.86 -3.43 -26.75
C6 CNL D . -4.30 -3.95 -25.46
C7 CNL D . -3.52 -3.31 -23.19
C8 CNL D . -3.72 -1.37 -26.49
C9 CNL D . -3.75 0.12 -26.38
C10 CNL D . -2.70 -1.67 -27.55
O CNL D . -3.20 -1.87 -25.11
S SO4 E . -6.16 9.94 -14.98
O1 SO4 E . -5.33 9.29 -13.97
O2 SO4 E . -6.31 11.37 -14.65
O3 SO4 E . -5.52 9.86 -16.30
O4 SO4 E . -7.49 9.30 -15.04
C1 PGE F . -9.35 -1.47 -48.68
O1 PGE F . -9.62 -0.80 -49.87
C2 PGE F . -10.47 -2.40 -48.37
O2 PGE F . -10.66 -2.56 -47.01
C3 PGE F . -11.89 -3.05 -46.61
C4 PGE F . -12.90 -2.10 -47.13
O4 PGE F . -15.17 -0.66 -49.77
C6 PGE F . -15.15 -1.91 -49.21
C5 PGE F . -15.14 -1.79 -47.73
O3 PGE F . -14.16 -2.63 -47.22
CHA HEM G . -3.82 7.12 22.37
CHB HEM G . -4.32 2.34 23.02
CHC HEM G . -1.33 1.56 19.26
CHD HEM G . -0.34 6.27 19.02
C1A HEM G . -4.26 5.91 22.83
C2A HEM G . -5.22 5.72 23.90
C3A HEM G . -5.36 4.38 24.06
C4A HEM G . -4.46 3.72 23.13
CMA HEM G . -6.23 3.64 25.08
CAA HEM G . -6.01 6.81 24.66
CBA HEM G . -5.14 7.66 25.58
CGA HEM G . -5.93 8.42 26.62
O1A HEM G . -7.19 8.36 26.64
O2A HEM G . -5.27 9.10 27.44
C1B HEM G . -3.60 1.72 22.04
C2B HEM G . -3.60 0.31 21.74
C3B HEM G . -2.77 0.09 20.71
C4B HEM G . -2.21 1.37 20.31
CMB HEM G . -4.43 -0.73 22.54
CAB HEM G . -2.42 -1.23 19.99
CBB HEM G . -3.11 -2.35 20.04
C1C HEM G . -0.81 2.76 18.84
C2C HEM G . 0.09 2.95 17.72
C3C HEM G . 0.35 4.28 17.66
C4C HEM G . -0.37 4.94 18.73
CMC HEM G . 0.61 1.83 16.80
CAC HEM G . 1.27 5.07 16.69
CBC HEM G . 2.27 4.57 15.96
C1D HEM G . -1.16 6.91 19.93
C2D HEM G . -1.10 8.32 20.20
C3D HEM G . -2.15 8.57 21.23
C4D HEM G . -2.77 7.31 21.49
CMD HEM G . -0.18 9.38 19.61
CAD HEM G . -2.50 9.92 21.84
CBD HEM G . -3.56 10.59 20.97
CGD HEM G . -3.98 11.93 21.55
O1D HEM G . -4.73 12.63 20.82
O2D HEM G . -3.61 12.25 22.70
NA HEM G . -3.81 4.67 22.38
NB HEM G . -2.73 2.35 21.15
NC HEM G . -1.11 3.99 19.43
ND HEM G . -2.15 6.32 20.72
FE HEM G . -2.67 4.35 20.70
C1 CNL H . 0.59 5.39 24.48
C2 CNL H . -0.54 6.32 24.21
C3 CNL H . -1.22 6.74 25.47
C4 CNL H . -0.70 6.01 26.67
C5 CNL H . 0.71 6.26 26.78
C6 CNL H . 1.48 5.97 25.53
C7 CNL H . 1.32 4.97 23.25
C8 CNL H . -0.87 4.53 26.37
C9 CNL H . -2.28 4.10 26.15
C10 CNL H . -0.35 3.64 27.47
O CNL H . -0.06 4.24 25.08
S SO4 I . -11.26 3.68 13.46
O1 SO4 I . -11.34 2.82 14.63
O2 SO4 I . -10.50 4.90 13.81
O3 SO4 I . -10.57 2.96 12.40
O4 SO4 I . -12.61 4.05 13.04
S SO4 J . -6.47 -8.75 3.13
O1 SO4 J . -7.07 -8.78 4.47
O2 SO4 J . -5.57 -7.60 3.03
O3 SO4 J . -5.74 -9.98 2.89
O4 SO4 J . -7.52 -8.58 2.13
C1 PGE K . -3.81 14.03 47.22
O1 PGE K . -4.18 15.21 46.61
C2 PGE K . -2.94 13.19 46.35
O2 PGE K . -2.94 11.88 46.80
C3 PGE K . -2.66 11.58 48.12
C4 PGE K . -3.05 10.17 48.43
O4 PGE K . -6.40 10.65 51.66
C6 PGE K . -5.05 10.56 51.43
C5 PGE K . -4.80 10.05 50.06
O3 PGE K . -3.45 10.09 49.75
#